data_8BC1
#
_entry.id   8BC1
#
_cell.length_a   1.00
_cell.length_b   1.00
_cell.length_c   1.00
_cell.angle_alpha   90.00
_cell.angle_beta   90.00
_cell.angle_gamma   90.00
#
_symmetry.space_group_name_H-M   'P 1'
#
loop_
_entity.id
_entity.type
_entity.pdbx_description
1 polymer Anoctamin-6,mTMEM16F
2 non-polymer 'CALCIUM ION'
#
_entity_poly.entity_id   1
_entity_poly.type   'polypeptide(L)'
_entity_poly.pdbx_seq_one_letter_code
;MQMMTRKVLLNMELEEDDDEDGDIVLENFDQTIVCPTFGSLENQQDFRTPEFEEFNGKPDSLFFTDGQRRIDFILVYEDE
SKKENNKKGTNEKQKRKRQAYESNLICHGLQLEATRSVSDDKLVFVKVHAPWEVLCTYAEIMHIKLPLKPNDLKTRSPFG
NLNWFTKVLRVNESVIKPEQEFFTAPFEKSRMNDFYILDRDSFFNPATRSRIVYFILSRVKYQVMNNVNKFGINRLVSSG
IYKAAFPLHDCRFNYESEDISCPSERYLLYREWAHPRSIYKKQPLDLIRKYYGEKIGIYFAWLGYYTQMLLLAAVVGVAC
FLYGYLDQDNCTWSKEVCDPDIGGQILMCPQCDRLCPFWRLNITCESSKKLCIFDSFGTLIFAVFMGVWVTLFLEFWKRR
QAELEYEWDTVELQQEEQARPEYEAQCNHVVINEITQEEERIPFTTCGKCIRVTLCASAVFFWILLIIASVIGIIVYRLS
VFIVFSTTLPKNPNGTDPIQKYLTPQMATSITASIISAIIIMILNTIYEKVAIMITNFELPRTQTDYENSLTMKMFLFQF
VNYYSSCFYIAFFKGKFVGYPGDPVYLLGKYRSEECDPGGCLLELTTQLTIIMGGKAIWNNIAEVLLPWVMNLIGRYKRV
SGSEKITPRWEQDYHLQPMGKLGLFYEYLEMIIQFGFVTLFVASFPLAPLLALVNNILEIRVDAWKLTTQFRRMVPEKAQ
DIGAWQPIMQGIAILAVVTNAMIIAFTSDMIPRLVYYWSFSIPPYGDHTYYTMDGYINNTLSVFNITDFKNTDKENPYIG
LGNYTLCRYRDFRNPPGHPQEYKHNIYYWHVIAAKLAFIIVMEHIIYSVKFFISYAIPDVSKITKSKIKREKYLTQKLLH
ESHLKDLTKNMGIIAERIGGTVDNSVRPKLEALEVLFQGPQGTEQKLISEEDLRGASMDEKTTGWRGGHVVEGLAGELEQ
LRARLEHHPQGQREP
;
_entity_poly.pdbx_strand_id   A,B
#
loop_
_chem_comp.id
_chem_comp.type
_chem_comp.name
_chem_comp.formula
CA non-polymer 'CALCIUM ION' 'Ca 2'
#
# COMPACT_ATOMS: atom_id res chain seq x y z
N SER A 264 -50.07 7.41 -17.13
CA SER A 264 -49.04 7.99 -17.99
C SER A 264 -47.76 8.25 -17.19
N GLU A 265 -47.09 7.16 -16.80
CA GLU A 265 -45.85 7.30 -16.06
C GLU A 265 -44.76 7.96 -16.90
N ARG A 266 -44.67 7.59 -18.18
CA ARG A 266 -43.61 8.13 -19.02
C ARG A 266 -43.81 9.62 -19.28
N TYR A 267 -45.06 10.07 -19.38
CA TYR A 267 -45.30 11.50 -19.61
C TYR A 267 -44.76 12.34 -18.47
N LEU A 268 -45.08 11.95 -17.23
CA LEU A 268 -44.54 12.68 -16.08
C LEU A 268 -43.03 12.52 -15.98
N LEU A 269 -42.54 11.30 -16.24
CA LEU A 269 -41.10 11.03 -16.17
C LEU A 269 -40.32 11.81 -17.22
N TYR A 270 -40.97 12.23 -18.30
CA TYR A 270 -40.34 13.08 -19.31
C TYR A 270 -40.57 14.57 -19.04
N ARG A 271 -41.67 14.93 -18.37
CA ARG A 271 -41.93 16.34 -18.09
C ARG A 271 -41.07 16.84 -16.93
N GLU A 272 -41.08 16.14 -15.81
CA GLU A 272 -40.32 16.54 -14.63
C GLU A 272 -38.93 15.90 -14.56
N TRP A 273 -38.55 15.12 -15.57
CA TRP A 273 -37.27 14.44 -15.58
C TRP A 273 -36.91 14.13 -17.02
N ALA A 274 -35.64 13.79 -17.26
CA ALA A 274 -35.15 13.42 -18.59
C ALA A 274 -35.45 14.51 -19.62
N HIS A 275 -35.24 15.76 -19.21
CA HIS A 275 -35.55 16.89 -20.09
C HIS A 275 -34.56 18.00 -19.81
N PRO A 276 -34.08 18.70 -20.84
CA PRO A 276 -33.11 19.78 -20.61
C PRO A 276 -33.63 20.88 -19.70
N ARG A 277 -34.93 21.19 -19.76
CA ARG A 277 -35.49 22.21 -18.89
C ARG A 277 -35.45 21.82 -17.43
N SER A 278 -35.68 20.54 -17.13
CA SER A 278 -35.70 20.04 -15.75
C SER A 278 -34.32 19.60 -15.26
N ILE A 279 -33.25 20.14 -15.85
CA ILE A 279 -31.89 19.73 -15.48
C ILE A 279 -31.55 20.06 -14.03
N TYR A 280 -32.20 21.06 -13.44
CA TYR A 280 -31.90 21.51 -12.09
C TYR A 280 -32.95 21.03 -11.09
N LYS A 281 -33.45 19.82 -11.28
CA LYS A 281 -34.43 19.23 -10.39
C LYS A 281 -33.94 17.87 -9.92
N LYS A 282 -34.37 17.49 -8.72
CA LYS A 282 -33.97 16.22 -8.13
C LYS A 282 -34.56 15.06 -8.92
N GLN A 283 -33.84 13.95 -8.90
CA GLN A 283 -34.24 12.77 -9.67
C GLN A 283 -35.27 11.96 -8.88
N PRO A 284 -36.43 11.64 -9.47
CA PRO A 284 -37.38 10.76 -8.79
C PRO A 284 -36.89 9.32 -8.77
N LEU A 285 -36.00 9.02 -7.82
CA LEU A 285 -35.36 7.70 -7.78
C LEU A 285 -36.39 6.59 -7.60
N ASP A 286 -37.36 6.80 -6.72
CA ASP A 286 -38.41 5.80 -6.54
C ASP A 286 -39.25 5.62 -7.80
N LEU A 287 -39.59 6.74 -8.46
CA LEU A 287 -40.38 6.66 -9.68
C LEU A 287 -39.62 5.96 -10.80
N ILE A 288 -38.33 6.29 -10.97
CA ILE A 288 -37.56 5.62 -12.02
C ILE A 288 -37.28 4.17 -11.67
N ARG A 289 -37.23 3.83 -10.37
CA ARG A 289 -37.16 2.42 -10.00
C ARG A 289 -38.45 1.69 -10.37
N LYS A 290 -39.59 2.33 -10.14
CA LYS A 290 -40.87 1.73 -10.49
C LYS A 290 -41.04 1.62 -12.00
N TYR A 291 -40.42 2.52 -12.77
CA TYR A 291 -40.57 2.48 -14.22
C TYR A 291 -39.52 1.59 -14.88
N TYR A 292 -38.25 1.97 -14.78
CA TYR A 292 -37.18 1.27 -15.48
C TYR A 292 -36.75 0.00 -14.76
N GLY A 293 -36.27 0.11 -13.54
CA GLY A 293 -35.85 -1.06 -12.79
C GLY A 293 -34.86 -0.68 -11.70
N GLU A 294 -34.33 -1.72 -11.04
CA GLU A 294 -33.39 -1.52 -9.94
C GLU A 294 -32.05 -1.02 -10.45
N LYS A 295 -31.53 -1.63 -11.53
CA LYS A 295 -30.19 -1.28 -12.00
C LYS A 295 -30.13 0.16 -12.50
N ILE A 296 -31.16 0.59 -13.24
CA ILE A 296 -31.19 1.97 -13.73
C ILE A 296 -31.23 2.94 -12.55
N GLY A 297 -32.08 2.65 -11.56
CA GLY A 297 -32.19 3.52 -10.41
C GLY A 297 -30.89 3.61 -9.62
N ILE A 298 -30.23 2.47 -9.39
CA ILE A 298 -28.99 2.50 -8.64
C ILE A 298 -27.89 3.20 -9.43
N TYR A 299 -27.88 3.05 -10.76
CA TYR A 299 -26.91 3.78 -11.58
C TYR A 299 -27.11 5.28 -11.46
N PHE A 300 -28.37 5.73 -11.55
CA PHE A 300 -28.63 7.17 -11.47
C PHE A 300 -28.34 7.70 -10.07
N ALA A 301 -28.65 6.91 -9.03
CA ALA A 301 -28.31 7.33 -7.67
C ALA A 301 -26.80 7.43 -7.49
N TRP A 302 -26.05 6.47 -8.02
CA TRP A 302 -24.59 6.52 -7.93
C TRP A 302 -24.05 7.74 -8.67
N LEU A 303 -24.60 8.05 -9.84
CA LEU A 303 -24.15 9.22 -10.58
C LEU A 303 -24.47 10.51 -9.80
N GLY A 304 -25.64 10.57 -9.18
CA GLY A 304 -25.98 11.75 -8.39
C GLY A 304 -25.07 11.92 -7.18
N TYR A 305 -24.77 10.81 -6.48
CA TYR A 305 -23.86 10.90 -5.34
C TYR A 305 -22.45 11.26 -5.79
N TYR A 306 -22.01 10.74 -6.93
CA TYR A 306 -20.73 11.12 -7.49
C TYR A 306 -20.68 12.61 -7.79
N THR A 307 -21.76 13.14 -8.36
CA THR A 307 -21.85 14.58 -8.63
C THR A 307 -21.81 15.38 -7.33
N GLN A 308 -22.52 14.89 -6.31
CA GLN A 308 -22.52 15.58 -5.02
C GLN A 308 -21.12 15.66 -4.43
N MET A 309 -20.39 14.55 -4.45
CA MET A 309 -19.02 14.56 -3.92
C MET A 309 -18.10 15.43 -4.77
N LEU A 310 -18.23 15.35 -6.10
CA LEU A 310 -17.42 16.20 -6.96
C LEU A 310 -17.74 17.68 -6.78
N LEU A 311 -18.93 18.01 -6.26
CA LEU A 311 -19.21 19.41 -5.95
C LEU A 311 -18.25 19.95 -4.90
N LEU A 312 -18.10 19.25 -3.77
CA LEU A 312 -17.16 19.67 -2.75
C LEU A 312 -15.72 19.57 -3.26
N ALA A 313 -15.43 18.52 -4.04
CA ALA A 313 -14.11 18.40 -4.66
C ALA A 313 -13.79 19.66 -5.48
N ALA A 314 -14.75 20.10 -6.29
CA ALA A 314 -14.57 21.28 -7.12
C ALA A 314 -14.44 22.54 -6.29
N VAL A 315 -15.21 22.65 -5.20
CA VAL A 315 -15.11 23.83 -4.35
C VAL A 315 -13.71 23.96 -3.78
N VAL A 316 -13.18 22.86 -3.25
CA VAL A 316 -11.83 22.90 -2.68
C VAL A 316 -10.79 23.13 -3.77
N GLY A 317 -10.99 22.52 -4.94
CA GLY A 317 -10.06 22.75 -6.04
C GLY A 317 -10.03 24.20 -6.49
N VAL A 318 -11.19 24.83 -6.57
CA VAL A 318 -11.26 26.24 -6.96
C VAL A 318 -10.63 27.11 -5.88
N ALA A 319 -10.82 26.75 -4.61
CA ALA A 319 -10.16 27.50 -3.53
C ALA A 319 -8.64 27.43 -3.67
N CYS A 320 -8.10 26.24 -3.92
CA CYS A 320 -6.66 26.10 -4.08
C CYS A 320 -6.17 26.80 -5.34
N PHE A 321 -6.95 26.76 -6.41
CA PHE A 321 -6.58 27.46 -7.63
C PHE A 321 -6.55 28.96 -7.42
N LEU A 322 -7.51 29.50 -6.67
CA LEU A 322 -7.50 30.93 -6.34
C LEU A 322 -6.31 31.28 -5.47
N TYR A 323 -5.96 30.39 -4.52
CA TYR A 323 -4.76 30.62 -3.72
C TYR A 323 -3.51 30.69 -4.59
N GLY A 324 -3.39 29.76 -5.54
CA GLY A 324 -2.26 29.79 -6.46
C GLY A 324 -2.24 31.03 -7.33
N TYR A 325 -3.41 31.44 -7.82
CA TYR A 325 -3.49 32.63 -8.66
C TYR A 325 -3.12 33.89 -7.88
N LEU A 326 -3.55 33.97 -6.62
CA LEU A 326 -3.18 35.11 -5.79
C LEU A 326 -1.68 35.13 -5.53
N ASP A 327 -1.08 33.96 -5.27
CA ASP A 327 0.36 33.91 -5.06
C ASP A 327 1.16 33.99 -6.35
N GLN A 328 0.49 33.97 -7.51
CA GLN A 328 1.19 34.12 -8.77
C GLN A 328 2.01 35.41 -8.82
N ASP A 329 1.52 36.47 -8.18
CA ASP A 329 2.27 37.72 -8.14
C ASP A 329 3.58 37.56 -7.38
N ASN A 330 3.60 36.71 -6.35
CA ASN A 330 4.78 36.51 -5.52
C ASN A 330 5.57 35.28 -5.92
N CYS A 331 5.26 34.69 -7.07
CA CYS A 331 6.04 33.56 -7.60
C CYS A 331 7.40 34.09 -8.02
N THR A 332 8.40 33.88 -7.16
CA THR A 332 9.74 34.41 -7.43
C THR A 332 10.33 33.81 -8.70
N TRP A 333 10.19 32.49 -8.87
CA TRP A 333 10.78 31.83 -10.04
C TRP A 333 10.11 32.28 -11.33
N SER A 334 8.78 32.38 -11.34
CA SER A 334 8.10 32.79 -12.56
C SER A 334 8.39 34.25 -12.90
N LYS A 335 8.42 35.12 -11.88
CA LYS A 335 8.76 36.52 -12.12
C LYS A 335 10.19 36.67 -12.60
N GLU A 336 11.11 35.84 -12.09
CA GLU A 336 12.48 35.85 -12.57
C GLU A 336 12.55 35.38 -14.03
N VAL A 337 11.73 34.39 -14.38
CA VAL A 337 11.64 33.95 -15.77
C VAL A 337 11.14 35.08 -16.65
N CYS A 338 10.12 35.81 -16.20
CA CYS A 338 9.57 36.92 -16.96
C CYS A 338 10.37 38.20 -16.81
N ASP A 339 11.43 38.19 -15.99
CA ASP A 339 12.27 39.37 -15.82
C ASP A 339 13.31 39.40 -16.93
N PRO A 340 13.31 40.42 -17.80
CA PRO A 340 14.29 40.44 -18.90
C PRO A 340 15.73 40.43 -18.43
N ASP A 341 16.01 40.93 -17.23
CA ASP A 341 17.38 40.95 -16.73
C ASP A 341 17.93 39.54 -16.54
N ILE A 342 17.12 38.64 -16.01
CA ILE A 342 17.53 37.27 -15.75
C ILE A 342 16.86 36.29 -16.71
N GLY A 343 15.54 36.39 -16.87
CA GLY A 343 14.86 35.51 -17.80
C GLY A 343 15.29 35.71 -19.23
N GLY A 344 15.62 36.95 -19.59
CA GLY A 344 16.09 37.23 -20.93
C GLY A 344 17.46 36.65 -21.24
N GLN A 345 18.22 36.29 -20.21
CA GLN A 345 19.54 35.70 -20.38
C GLN A 345 19.50 34.17 -20.32
N ILE A 346 18.32 33.57 -20.23
CA ILE A 346 18.20 32.13 -20.17
C ILE A 346 18.43 31.56 -21.56
N LEU A 347 19.39 30.63 -21.67
CA LEU A 347 19.76 30.02 -22.94
C LEU A 347 19.56 28.51 -22.82
N MET A 348 18.36 28.06 -23.16
CA MET A 348 18.03 26.64 -23.05
C MET A 348 18.57 25.88 -24.25
N CYS A 349 19.04 24.66 -24.00
CA CYS A 349 19.58 23.83 -25.06
C CYS A 349 18.46 23.33 -25.96
N PRO A 350 18.75 23.06 -27.24
CA PRO A 350 17.69 22.64 -28.16
C PRO A 350 17.15 21.27 -27.83
N GLN A 351 15.92 21.02 -28.26
CA GLN A 351 15.27 19.75 -27.99
C GLN A 351 15.65 18.69 -29.02
N CYS A 352 15.61 19.04 -30.30
CA CYS A 352 15.94 18.12 -31.37
C CYS A 352 17.27 18.50 -32.02
N PHE A 358 17.98 27.48 -30.05
CA PHE A 358 18.21 27.54 -28.61
C PHE A 358 17.17 28.50 -28.03
N TRP A 359 15.96 27.97 -27.83
CA TRP A 359 14.83 28.79 -27.43
C TRP A 359 15.06 29.34 -26.02
N ARG A 360 14.84 30.65 -25.86
CA ARG A 360 14.98 31.30 -24.57
C ARG A 360 13.70 31.13 -23.75
N LEU A 361 13.82 31.36 -22.44
CA LEU A 361 12.68 31.22 -21.55
C LEU A 361 11.66 32.35 -21.71
N ASN A 362 12.02 33.42 -22.42
CA ASN A 362 11.10 34.55 -22.59
C ASN A 362 9.83 34.10 -23.29
N ILE A 363 9.96 33.30 -24.34
CA ILE A 363 8.79 32.82 -25.06
C ILE A 363 7.90 31.98 -24.15
N THR A 364 8.47 31.44 -23.08
CA THR A 364 7.72 30.64 -22.12
C THR A 364 7.39 31.41 -20.85
N CYS A 365 7.66 32.72 -20.80
CA CYS A 365 7.40 33.48 -19.59
C CYS A 365 5.93 33.40 -19.20
N GLU A 366 5.04 33.68 -20.15
CA GLU A 366 3.61 33.56 -19.88
C GLU A 366 3.25 32.15 -19.43
N SER A 367 3.90 31.14 -20.04
CA SER A 367 3.66 29.77 -19.61
C SER A 367 4.01 29.61 -18.14
N SER A 368 5.16 30.16 -17.73
CA SER A 368 5.53 30.12 -16.31
C SER A 368 4.50 30.84 -15.46
N LYS A 369 3.94 31.93 -15.98
CA LYS A 369 2.89 32.65 -15.25
C LYS A 369 1.71 31.74 -14.98
N LYS A 370 1.35 30.88 -15.93
CA LYS A 370 0.27 29.94 -15.71
C LYS A 370 0.77 28.59 -15.20
N LEU A 371 2.07 28.45 -14.97
CA LEU A 371 2.66 27.21 -14.49
C LEU A 371 2.89 27.22 -12.99
N CYS A 372 3.25 28.37 -12.43
CA CYS A 372 3.42 28.47 -10.99
C CYS A 372 2.14 28.14 -10.25
N ILE A 373 0.99 28.41 -10.86
CA ILE A 373 -0.29 28.01 -10.28
C ILE A 373 -0.43 26.49 -10.31
N PHE A 374 0.07 25.85 -11.37
CA PHE A 374 -0.06 24.41 -11.51
C PHE A 374 0.69 23.66 -10.41
N ASP A 375 1.90 24.12 -10.07
CA ASP A 375 2.70 23.48 -9.03
C ASP A 375 2.86 24.47 -7.87
N SER A 376 1.88 24.49 -6.98
CA SER A 376 1.90 25.33 -5.80
C SER A 376 1.50 24.49 -4.59
N PHE A 377 1.87 24.97 -3.40
CA PHE A 377 1.56 24.24 -2.18
C PHE A 377 0.05 24.04 -2.01
N GLY A 378 -0.74 24.95 -2.56
CA GLY A 378 -2.18 24.74 -2.57
C GLY A 378 -2.56 23.49 -3.35
N THR A 379 -1.84 23.20 -4.44
CA THR A 379 -2.12 21.99 -5.19
C THR A 379 -1.78 20.74 -4.38
N LEU A 380 -0.70 20.79 -3.60
CA LEU A 380 -0.36 19.66 -2.72
C LEU A 380 -1.42 19.48 -1.64
N ILE A 381 -1.89 20.57 -1.05
CA ILE A 381 -2.96 20.50 -0.07
C ILE A 381 -4.21 19.91 -0.70
N PHE A 382 -4.52 20.30 -1.94
CA PHE A 382 -5.68 19.77 -2.61
C PHE A 382 -5.50 18.29 -2.96
N ALA A 383 -4.28 17.87 -3.25
CA ALA A 383 -4.02 16.44 -3.49
C ALA A 383 -4.28 15.63 -2.23
N VAL A 384 -3.83 16.14 -1.08
CA VAL A 384 -4.13 15.46 0.19
C VAL A 384 -5.62 15.42 0.43
N PHE A 385 -6.31 16.55 0.20
CA PHE A 385 -7.76 16.58 0.36
C PHE A 385 -8.44 15.64 -0.63
N MET A 386 -7.84 15.42 -1.80
CA MET A 386 -8.42 14.51 -2.78
C MET A 386 -8.26 13.07 -2.35
N GLY A 387 -7.13 12.74 -1.74
CA GLY A 387 -7.02 11.43 -1.09
C GLY A 387 -8.10 11.24 -0.05
N VAL A 388 -8.31 12.24 0.79
CA VAL A 388 -9.34 12.16 1.83
C VAL A 388 -10.73 12.02 1.20
N TRP A 389 -10.97 12.77 0.13
CA TRP A 389 -12.28 12.76 -0.54
C TRP A 389 -12.54 11.42 -1.22
N VAL A 390 -11.53 10.84 -1.87
CA VAL A 390 -11.67 9.51 -2.43
C VAL A 390 -11.98 8.51 -1.32
N THR A 391 -11.33 8.66 -0.17
CA THR A 391 -11.63 7.79 0.97
C THR A 391 -13.08 7.92 1.40
N LEU A 392 -13.57 9.15 1.50
CA LEU A 392 -14.94 9.38 1.94
C LEU A 392 -15.95 8.94 0.88
N PHE A 393 -15.52 8.86 -0.38
CA PHE A 393 -16.42 8.52 -1.47
C PHE A 393 -17.01 7.12 -1.30
N LEU A 394 -16.14 6.10 -1.24
CA LEU A 394 -16.60 4.71 -1.29
C LEU A 394 -17.39 4.31 -0.06
N GLU A 395 -16.99 4.80 1.12
CA GLU A 395 -17.68 4.41 2.35
C GLU A 395 -19.12 4.91 2.37
N PHE A 396 -19.31 6.20 2.05
CA PHE A 396 -20.67 6.73 1.98
C PHE A 396 -21.44 6.11 0.82
N TRP A 397 -20.76 5.77 -0.28
CA TRP A 397 -21.45 5.10 -1.38
C TRP A 397 -22.01 3.74 -0.94
N LYS A 398 -21.21 2.97 -0.21
CA LYS A 398 -21.69 1.65 0.20
C LYS A 398 -22.72 1.76 1.34
N ARG A 399 -22.63 2.80 2.17
CA ARG A 399 -23.69 3.07 3.12
C ARG A 399 -25.01 3.35 2.39
N ARG A 400 -24.97 4.20 1.38
CA ARG A 400 -26.16 4.46 0.57
C ARG A 400 -26.63 3.21 -0.15
N GLN A 401 -25.69 2.36 -0.59
CA GLN A 401 -26.05 1.12 -1.26
C GLN A 401 -26.81 0.19 -0.33
N ALA A 402 -26.34 0.06 0.92
CA ALA A 402 -27.06 -0.77 1.89
C ALA A 402 -28.43 -0.17 2.20
N GLU A 403 -28.50 1.17 2.30
CA GLU A 403 -29.79 1.82 2.52
C GLU A 403 -30.76 1.51 1.39
N LEU A 404 -30.29 1.58 0.14
CA LEU A 404 -31.15 1.25 -0.99
C LEU A 404 -31.49 -0.23 -1.05
N GLU A 405 -30.58 -1.09 -0.61
CA GLU A 405 -30.88 -2.51 -0.51
C GLU A 405 -32.04 -2.75 0.44
N TYR A 406 -32.02 -2.09 1.60
CA TYR A 406 -33.13 -2.24 2.53
C TYR A 406 -34.41 -1.62 1.99
N GLU A 407 -34.31 -0.45 1.35
CA GLU A 407 -35.50 0.28 0.95
C GLU A 407 -36.20 -0.37 -0.24
N TRP A 408 -35.45 -0.78 -1.24
CA TRP A 408 -36.01 -1.35 -2.47
C TRP A 408 -36.07 -2.87 -2.46
N ASP A 409 -35.66 -3.51 -1.37
CA ASP A 409 -35.63 -4.97 -1.27
C ASP A 409 -34.84 -5.58 -2.44
N THR A 410 -33.66 -5.02 -2.68
CA THR A 410 -32.81 -5.53 -3.76
C THR A 410 -32.35 -6.95 -3.49
N VAL A 411 -32.17 -7.30 -2.22
CA VAL A 411 -31.73 -8.65 -1.85
C VAL A 411 -32.90 -9.60 -1.98
N GLU A 412 -32.93 -10.35 -3.08
CA GLU A 412 -34.00 -11.31 -3.33
C GLU A 412 -33.43 -12.67 -3.72
N LEU A 413 -34.29 -13.57 -4.21
CA LEU A 413 -33.85 -14.89 -4.62
C LEU A 413 -32.94 -14.81 -5.84
N GLN A 414 -31.67 -15.15 -5.67
CA GLN A 414 -30.71 -15.20 -6.78
C GLN A 414 -30.68 -16.63 -7.31
N GLN A 415 -31.65 -16.93 -8.18
CA GLN A 415 -31.77 -18.27 -8.74
C GLN A 415 -30.61 -18.54 -9.70
N GLU A 416 -30.42 -19.82 -10.00
CA GLU A 416 -29.36 -20.23 -10.92
C GLU A 416 -29.56 -19.58 -12.28
N GLU A 417 -28.48 -19.00 -12.81
CA GLU A 417 -28.56 -18.23 -14.04
C GLU A 417 -28.65 -19.14 -15.26
N GLN A 418 -29.46 -18.73 -16.23
CA GLN A 418 -29.63 -19.49 -17.46
C GLN A 418 -28.41 -19.31 -18.35
N ALA A 419 -28.02 -20.39 -19.03
CA ALA A 419 -26.88 -20.34 -19.93
C ALA A 419 -27.19 -19.48 -21.15
N ARG A 420 -26.16 -18.83 -21.67
CA ARG A 420 -26.33 -17.99 -22.85
C ARG A 420 -26.67 -18.84 -24.07
N PRO A 421 -27.51 -18.33 -24.97
CA PRO A 421 -27.88 -19.13 -26.16
C PRO A 421 -26.70 -19.54 -27.01
N GLU A 422 -25.72 -18.65 -27.19
CA GLU A 422 -24.55 -19.00 -27.97
C GLU A 422 -23.67 -20.02 -27.26
N TYR A 423 -23.62 -19.95 -25.92
CA TYR A 423 -22.86 -20.95 -25.16
C TYR A 423 -23.45 -22.34 -25.32
N GLU A 424 -24.79 -22.45 -25.26
CA GLU A 424 -25.43 -23.75 -25.40
C GLU A 424 -25.57 -24.18 -26.86
N ALA A 425 -25.39 -23.27 -27.81
CA ALA A 425 -25.47 -23.65 -29.22
C ALA A 425 -24.35 -24.60 -29.59
N GLN A 426 -23.14 -24.36 -29.10
CA GLN A 426 -21.98 -25.20 -29.38
C GLN A 426 -21.46 -25.90 -28.14
N CYS A 427 -22.24 -25.94 -27.06
CA CYS A 427 -21.85 -26.60 -25.81
C CYS A 427 -20.53 -26.05 -25.28
N LYS A 449 -11.30 -25.34 -24.06
CA LYS A 449 -11.72 -23.95 -23.86
C LYS A 449 -10.61 -23.13 -23.20
N CYS A 450 -9.72 -23.82 -22.47
CA CYS A 450 -8.62 -23.13 -21.82
C CYS A 450 -7.68 -22.50 -22.84
N ILE A 451 -7.42 -23.20 -23.95
CA ILE A 451 -6.56 -22.65 -24.99
C ILE A 451 -7.19 -21.41 -25.61
N ARG A 452 -8.52 -21.44 -25.81
CA ARG A 452 -9.20 -20.28 -26.39
C ARG A 452 -9.11 -19.06 -25.48
N VAL A 453 -9.20 -19.26 -24.17
CA VAL A 453 -9.07 -18.15 -23.23
C VAL A 453 -7.67 -17.54 -23.31
N THR A 454 -6.65 -18.40 -23.39
CA THR A 454 -5.28 -17.90 -23.52
C THR A 454 -5.08 -17.14 -24.82
N LEU A 455 -5.68 -17.63 -25.91
CA LEU A 455 -5.59 -16.93 -27.19
C LEU A 455 -6.29 -15.58 -27.10
N CYS A 456 -7.44 -15.52 -26.41
CA CYS A 456 -8.14 -14.26 -26.23
C CYS A 456 -7.28 -13.27 -25.43
N ALA A 457 -6.65 -13.75 -24.36
CA ALA A 457 -5.78 -12.88 -23.57
C ALA A 457 -4.59 -12.40 -24.41
N SER A 458 -4.03 -13.28 -25.23
CA SER A 458 -2.93 -12.87 -26.10
C SER A 458 -3.38 -11.80 -27.09
N ALA A 459 -4.57 -11.95 -27.65
CA ALA A 459 -5.10 -10.93 -28.57
C ALA A 459 -5.33 -9.61 -27.85
N VAL A 460 -5.83 -9.66 -26.62
CA VAL A 460 -6.06 -8.44 -25.85
C VAL A 460 -4.74 -7.72 -25.59
N PHE A 461 -3.73 -8.47 -25.17
CA PHE A 461 -2.41 -7.86 -24.96
C PHE A 461 -1.80 -7.37 -26.26
N PHE A 462 -2.07 -8.06 -27.37
CA PHE A 462 -1.58 -7.59 -28.66
C PHE A 462 -2.20 -6.25 -29.04
N TRP A 463 -3.51 -6.09 -28.79
CA TRP A 463 -4.14 -4.81 -29.07
C TRP A 463 -3.70 -3.74 -28.08
N ILE A 464 -3.36 -4.13 -26.86
CA ILE A 464 -2.75 -3.18 -25.92
C ILE A 464 -1.42 -2.68 -26.47
N LEU A 465 -0.61 -3.60 -27.01
CA LEU A 465 0.61 -3.18 -27.69
C LEU A 465 0.31 -2.32 -28.91
N LEU A 466 -0.82 -2.57 -29.58
CA LEU A 466 -1.19 -1.78 -30.74
C LEU A 466 -1.48 -0.33 -30.36
N ILE A 467 -2.29 -0.13 -29.31
CA ILE A 467 -2.58 1.25 -28.88
C ILE A 467 -1.32 1.90 -28.31
N ILE A 468 -0.47 1.11 -27.64
CA ILE A 468 0.82 1.65 -27.19
C ILE A 468 1.64 2.12 -28.39
N ALA A 469 1.65 1.35 -29.47
CA ALA A 469 2.36 1.76 -30.68
C ALA A 469 1.75 3.01 -31.28
N SER A 470 0.41 3.13 -31.20
CA SER A 470 -0.23 4.36 -31.66
C SER A 470 0.21 5.56 -30.84
N VAL A 471 0.32 5.40 -29.52
CA VAL A 471 0.80 6.48 -28.67
C VAL A 471 2.25 6.81 -29.00
N ILE A 472 3.05 5.80 -29.30
CA ILE A 472 4.43 6.04 -29.77
C ILE A 472 4.40 6.84 -31.07
N GLY A 473 3.43 6.55 -31.94
CA GLY A 473 3.25 7.36 -33.13
C GLY A 473 2.91 8.81 -32.79
N ILE A 474 2.13 9.01 -31.72
CA ILE A 474 1.88 10.36 -31.23
C ILE A 474 3.19 11.01 -30.80
N ILE A 475 4.08 10.23 -30.17
CA ILE A 475 5.41 10.74 -29.83
C ILE A 475 6.17 11.10 -31.10
N VAL A 476 6.10 10.26 -32.12
CA VAL A 476 6.75 10.55 -33.39
C VAL A 476 6.12 11.78 -34.04
N TYR A 477 4.79 11.93 -33.90
CA TYR A 477 4.11 13.09 -34.46
C TYR A 477 4.64 14.39 -33.85
N ARG A 478 4.80 14.41 -32.52
CA ARG A 478 5.32 15.61 -31.86
C ARG A 478 6.74 15.92 -32.32
N LEU A 479 7.58 14.90 -32.47
CA LEU A 479 8.93 15.11 -32.98
C LEU A 479 8.89 15.63 -34.41
N SER A 480 7.99 15.09 -35.23
CA SER A 480 7.92 15.50 -36.63
C SER A 480 7.26 16.86 -36.81
N VAL A 481 6.31 17.22 -35.97
CA VAL A 481 5.55 18.45 -36.16
C VAL A 481 6.12 19.63 -35.37
N PHE A 482 7.02 19.38 -34.41
CA PHE A 482 7.61 20.49 -33.67
C PHE A 482 8.53 21.31 -34.56
N ILE A 483 9.23 20.66 -35.49
CA ILE A 483 10.17 21.36 -36.36
C ILE A 483 9.44 22.35 -37.26
N VAL A 484 8.36 21.91 -37.90
CA VAL A 484 7.61 22.79 -38.78
C VAL A 484 6.92 23.89 -37.97
N PHE A 485 6.45 23.56 -36.76
CA PHE A 485 5.87 24.58 -35.89
C PHE A 485 6.92 25.60 -35.48
N SER A 486 8.15 25.15 -35.22
CA SER A 486 9.22 26.07 -34.84
C SER A 486 9.52 27.04 -35.97
N THR A 487 9.54 26.57 -37.21
CA THR A 487 9.81 27.43 -38.36
C THR A 487 8.60 28.31 -38.68
N THR A 504 4.99 30.43 -28.12
CA THR A 504 5.97 29.37 -28.36
C THR A 504 5.36 28.23 -29.18
N PRO A 505 6.13 27.68 -30.12
CA PRO A 505 5.60 26.58 -30.94
C PRO A 505 5.21 25.36 -30.14
N GLN A 506 5.87 25.10 -29.00
CA GLN A 506 5.59 23.90 -28.23
C GLN A 506 4.17 23.90 -27.68
N MET A 507 3.62 25.08 -27.36
CA MET A 507 2.26 25.14 -26.83
C MET A 507 1.24 24.68 -27.87
N ALA A 508 1.32 25.24 -29.08
CA ALA A 508 0.43 24.81 -30.14
C ALA A 508 0.67 23.36 -30.52
N THR A 509 1.92 22.92 -30.51
CA THR A 509 2.23 21.53 -30.79
C THR A 509 1.58 20.61 -29.77
N SER A 510 1.65 20.96 -28.49
CA SER A 510 1.04 20.14 -27.45
C SER A 510 -0.48 20.12 -27.57
N ILE A 511 -1.08 21.27 -27.87
CA ILE A 511 -2.54 21.32 -28.01
C ILE A 511 -3.00 20.47 -29.18
N THR A 512 -2.32 20.60 -30.32
CA THR A 512 -2.66 19.78 -31.49
C THR A 512 -2.45 18.31 -31.22
N ALA A 513 -1.36 17.96 -30.53
CA ALA A 513 -1.11 16.56 -30.19
C ALA A 513 -2.19 16.01 -29.28
N SER A 514 -2.64 16.81 -28.31
CA SER A 514 -3.72 16.38 -27.43
C SER A 514 -5.01 16.16 -28.20
N ILE A 515 -5.33 17.08 -29.12
CA ILE A 515 -6.54 16.92 -29.93
C ILE A 515 -6.45 15.66 -30.77
N ILE A 516 -5.30 15.42 -31.40
CA ILE A 516 -5.13 14.24 -32.24
C ILE A 516 -5.24 12.97 -31.40
N SER A 517 -4.63 12.96 -30.21
CA SER A 517 -4.71 11.79 -29.34
C SER A 517 -6.15 11.52 -28.92
N ALA A 518 -6.91 12.58 -28.57
CA ALA A 518 -8.30 12.39 -28.20
C ALA A 518 -9.11 11.83 -29.37
N ILE A 519 -8.88 12.35 -30.57
CA ILE A 519 -9.61 11.87 -31.74
C ILE A 519 -9.26 10.40 -32.00
N ILE A 520 -7.99 10.03 -31.86
CA ILE A 520 -7.57 8.65 -32.08
C ILE A 520 -8.21 7.74 -31.04
N ILE A 521 -8.26 8.18 -29.79
CA ILE A 521 -8.92 7.39 -28.74
C ILE A 521 -10.39 7.16 -29.09
N MET A 522 -11.07 8.23 -29.51
CA MET A 522 -12.48 8.10 -29.85
C MET A 522 -12.68 7.16 -31.03
N ILE A 523 -11.80 7.24 -32.04
CA ILE A 523 -11.92 6.37 -33.21
C ILE A 523 -11.70 4.92 -32.81
N LEU A 524 -10.66 4.65 -32.02
CA LEU A 524 -10.31 3.28 -31.66
C LEU A 524 -11.29 2.70 -30.64
N ASN A 525 -12.05 3.53 -29.92
CA ASN A 525 -12.98 3.03 -28.94
C ASN A 525 -14.03 2.13 -29.57
N THR A 526 -14.68 2.60 -30.65
CA THR A 526 -15.71 1.79 -31.30
C THR A 526 -15.12 0.54 -31.93
N ILE A 527 -13.94 0.66 -32.52
CA ILE A 527 -13.28 -0.49 -33.13
C ILE A 527 -13.04 -1.57 -32.08
N TYR A 528 -12.52 -1.17 -30.92
CA TYR A 528 -12.30 -2.16 -29.87
C TYR A 528 -13.61 -2.68 -29.31
N GLU A 529 -14.65 -1.86 -29.24
CA GLU A 529 -15.95 -2.35 -28.81
C GLU A 529 -16.41 -3.49 -29.71
N LYS A 530 -16.35 -3.28 -31.03
CA LYS A 530 -16.78 -4.31 -31.97
C LYS A 530 -15.91 -5.56 -31.85
N VAL A 531 -14.59 -5.39 -31.85
CA VAL A 531 -13.72 -6.57 -31.85
C VAL A 531 -13.82 -7.31 -30.52
N ALA A 532 -14.02 -6.60 -29.40
CA ALA A 532 -14.15 -7.24 -28.11
C ALA A 532 -15.48 -7.98 -28.00
N ILE A 533 -16.56 -7.42 -28.55
CA ILE A 533 -17.82 -8.15 -28.60
C ILE A 533 -17.65 -9.43 -29.40
N MET A 534 -16.98 -9.34 -30.57
CA MET A 534 -16.77 -10.53 -31.38
C MET A 534 -15.93 -11.57 -30.67
N ILE A 535 -14.86 -11.13 -29.98
CA ILE A 535 -13.98 -12.06 -29.29
C ILE A 535 -14.70 -12.72 -28.12
N THR A 536 -15.47 -11.93 -27.36
CA THR A 536 -16.19 -12.49 -26.23
C THR A 536 -17.29 -13.45 -26.69
N ASN A 537 -17.88 -13.20 -27.86
CA ASN A 537 -18.77 -14.20 -28.44
C ASN A 537 -18.01 -15.44 -28.88
N PHE A 538 -16.78 -15.26 -29.36
CA PHE A 538 -15.95 -16.39 -29.76
C PHE A 538 -15.64 -17.30 -28.59
N GLU A 539 -15.31 -16.71 -27.43
CA GLU A 539 -15.10 -17.50 -26.23
C GLU A 539 -16.46 -17.88 -25.62
N LEU A 540 -16.43 -18.87 -24.73
CA LEU A 540 -17.67 -19.45 -24.22
C LEU A 540 -17.83 -19.18 -22.73
N PRO A 541 -18.59 -18.17 -22.33
CA PRO A 541 -18.96 -18.04 -20.91
C PRO A 541 -20.21 -18.85 -20.59
N ARG A 542 -20.18 -19.63 -19.51
CA ARG A 542 -21.29 -20.52 -19.21
C ARG A 542 -22.55 -19.76 -18.80
N THR A 543 -22.42 -18.52 -18.34
CA THR A 543 -23.55 -17.72 -17.93
C THR A 543 -23.39 -16.31 -18.47
N GLN A 544 -24.49 -15.55 -18.46
CA GLN A 544 -24.44 -14.17 -18.91
C GLN A 544 -23.59 -13.31 -17.98
N THR A 545 -23.60 -13.61 -16.69
CA THR A 545 -22.79 -12.86 -15.74
C THR A 545 -21.30 -13.03 -16.03
N ASP A 546 -20.86 -14.23 -16.39
CA ASP A 546 -19.46 -14.43 -16.78
C ASP A 546 -19.12 -13.61 -18.02
N TYR A 547 -20.02 -13.58 -18.99
CA TYR A 547 -19.83 -12.74 -20.17
C TYR A 547 -19.68 -11.27 -19.77
N GLU A 548 -20.55 -10.81 -18.88
CA GLU A 548 -20.49 -9.42 -18.43
C GLU A 548 -19.17 -9.13 -17.73
N ASN A 549 -18.72 -10.04 -16.86
CA ASN A 549 -17.47 -9.82 -16.14
C ASN A 549 -16.27 -9.81 -17.07
N SER A 550 -16.21 -10.75 -18.01
CA SER A 550 -15.09 -10.78 -18.95
C SER A 550 -15.08 -9.53 -19.83
N LEU A 551 -16.25 -9.15 -20.35
CA LEU A 551 -16.33 -7.95 -21.16
C LEU A 551 -15.96 -6.71 -20.36
N THR A 552 -16.40 -6.64 -19.10
CA THR A 552 -16.04 -5.52 -18.24
C THR A 552 -14.54 -5.43 -18.06
N MET A 553 -13.89 -6.57 -17.78
CA MET A 553 -12.44 -6.55 -17.57
C MET A 553 -11.72 -6.11 -18.84
N LYS A 554 -12.07 -6.70 -19.98
CA LYS A 554 -11.37 -6.38 -21.23
C LYS A 554 -11.60 -4.92 -21.62
N MET A 555 -12.85 -4.47 -21.58
CA MET A 555 -13.16 -3.09 -21.96
C MET A 555 -12.50 -2.10 -21.02
N PHE A 556 -12.54 -2.37 -19.71
CA PHE A 556 -11.90 -1.47 -18.76
C PHE A 556 -10.41 -1.40 -18.99
N LEU A 557 -9.76 -2.54 -19.23
CA LEU A 557 -8.33 -2.52 -19.49
C LEU A 557 -8.01 -1.70 -20.74
N PHE A 558 -8.73 -1.95 -21.83
CA PHE A 558 -8.44 -1.24 -23.07
C PHE A 558 -8.70 0.26 -22.93
N GLN A 559 -9.82 0.64 -22.32
CA GLN A 559 -10.15 2.06 -22.20
C GLN A 559 -9.18 2.76 -21.25
N PHE A 560 -8.80 2.08 -20.15
CA PHE A 560 -7.76 2.60 -19.28
C PHE A 560 -6.50 2.89 -20.07
N VAL A 561 -6.02 1.91 -20.84
CA VAL A 561 -4.79 2.09 -21.60
C VAL A 561 -4.93 3.23 -22.59
N ASN A 562 -6.01 3.24 -23.38
CA ASN A 562 -6.20 4.26 -24.40
C ASN A 562 -6.26 5.65 -23.80
N TYR A 563 -7.12 5.86 -22.80
CA TYR A 563 -7.30 7.20 -22.26
C TYR A 563 -6.07 7.67 -21.50
N TYR A 564 -5.43 6.79 -20.73
CA TYR A 564 -4.38 7.24 -19.82
C TYR A 564 -2.98 6.97 -20.33
N SER A 565 -2.81 6.46 -21.55
CA SER A 565 -1.47 6.23 -22.07
C SER A 565 -0.72 7.54 -22.29
N SER A 566 -1.37 8.50 -22.96
CA SER A 566 -0.75 9.81 -23.14
C SER A 566 -0.52 10.50 -21.81
N CYS A 567 -1.48 10.41 -20.89
CA CYS A 567 -1.34 11.05 -19.59
C CYS A 567 -0.16 10.46 -18.82
N PHE A 568 -0.02 9.14 -18.82
CA PHE A 568 1.11 8.51 -18.14
C PHE A 568 2.42 8.82 -18.84
N TYR A 569 2.41 8.91 -20.16
CA TYR A 569 3.63 9.28 -20.88
C TYR A 569 4.09 10.68 -20.50
N ILE A 570 3.14 11.62 -20.42
CA ILE A 570 3.52 12.99 -20.07
C ILE A 570 3.94 13.07 -18.61
N ALA A 571 3.24 12.34 -17.73
CA ALA A 571 3.51 12.44 -16.30
C ALA A 571 4.81 11.75 -15.90
N PHE A 572 5.07 10.57 -16.46
CA PHE A 572 6.14 9.70 -15.97
C PHE A 572 7.14 9.27 -17.03
N PHE A 573 6.92 9.58 -18.30
CA PHE A 573 7.84 9.15 -19.36
C PHE A 573 8.44 10.31 -20.14
N LYS A 574 7.66 11.35 -20.43
CA LYS A 574 8.14 12.43 -21.29
C LYS A 574 9.12 13.32 -20.53
N GLY A 575 10.36 13.38 -21.04
CA GLY A 575 11.39 14.21 -20.45
C GLY A 575 12.12 13.59 -19.28
N LYS A 576 11.73 12.40 -18.85
CA LYS A 576 12.39 11.77 -17.71
C LYS A 576 13.76 11.24 -18.07
N PHE A 577 13.89 10.62 -19.25
CA PHE A 577 15.14 10.02 -19.70
C PHE A 577 15.61 10.77 -20.93
N VAL A 578 16.33 11.86 -20.72
CA VAL A 578 16.96 12.61 -21.81
C VAL A 578 18.47 12.73 -21.65
N GLY A 579 19.01 12.47 -20.46
CA GLY A 579 20.44 12.55 -20.27
C GLY A 579 20.94 13.97 -20.39
N TYR A 580 22.04 14.14 -21.10
CA TYR A 580 22.66 15.43 -21.31
C TYR A 580 22.95 15.59 -22.80
N PRO A 581 23.20 16.81 -23.29
CA PRO A 581 23.39 16.97 -24.75
C PRO A 581 24.49 16.09 -25.31
N GLY A 582 25.55 15.85 -24.55
CA GLY A 582 26.54 14.86 -24.95
C GLY A 582 25.97 13.46 -24.80
N ASP A 583 26.16 12.64 -25.83
CA ASP A 583 25.64 11.28 -25.87
C ASP A 583 24.17 11.21 -25.45
N PRO A 584 23.27 11.89 -26.17
CA PRO A 584 21.86 11.86 -25.78
C PRO A 584 21.24 10.50 -26.03
N VAL A 585 20.16 10.24 -25.30
CA VAL A 585 19.46 8.96 -25.41
C VAL A 585 18.81 8.87 -26.77
N TYR A 586 19.02 7.73 -27.44
CA TYR A 586 18.43 7.46 -28.74
C TYR A 586 17.65 6.15 -28.68
N LEU A 587 16.60 6.07 -29.49
CA LEU A 587 15.74 4.89 -29.50
C LEU A 587 15.89 4.13 -30.82
N TYR A 591 13.58 7.42 -31.73
CA TYR A 591 14.85 8.15 -31.74
C TYR A 591 14.66 9.55 -31.16
N ARG A 592 15.62 10.00 -30.36
CA ARG A 592 15.63 11.33 -29.79
C ARG A 592 14.35 11.60 -28.99
N SER A 593 14.23 10.87 -27.88
CA SER A 593 13.07 10.97 -27.00
C SER A 593 12.76 12.42 -26.63
N GLU A 594 11.49 12.71 -26.38
CA GLU A 594 11.06 14.08 -26.18
C GLU A 594 11.61 14.64 -24.86
N GLU A 595 11.91 15.94 -24.89
CA GLU A 595 12.35 16.68 -23.72
C GLU A 595 11.16 17.50 -23.18
N CYS A 596 11.43 18.36 -22.20
CA CYS A 596 10.38 19.19 -21.64
C CYS A 596 10.96 20.50 -21.10
N ASP A 597 10.07 21.40 -20.70
CA ASP A 597 10.41 22.71 -20.21
C ASP A 597 11.00 22.65 -18.81
N PRO A 598 11.73 23.69 -18.39
CA PRO A 598 12.33 23.66 -17.05
C PRO A 598 11.34 23.47 -15.91
N GLY A 599 10.13 24.00 -16.06
CA GLY A 599 9.13 23.88 -15.01
C GLY A 599 8.40 22.56 -15.04
N GLY A 600 8.88 21.63 -15.85
CA GLY A 600 8.28 20.33 -15.98
C GLY A 600 7.12 20.34 -16.96
N CYS A 601 6.68 19.13 -17.33
CA CYS A 601 5.56 18.96 -18.24
C CYS A 601 4.23 18.87 -17.52
N LEU A 602 4.14 19.46 -16.33
CA LEU A 602 2.85 19.54 -15.65
C LEU A 602 1.88 20.45 -16.40
N LEU A 603 2.40 21.51 -17.02
CA LEU A 603 1.55 22.36 -17.87
C LEU A 603 1.00 21.58 -19.05
N GLU A 604 1.86 20.80 -19.71
CA GLU A 604 1.40 19.99 -20.85
C GLU A 604 0.40 18.93 -20.40
N LEU A 605 0.66 18.29 -19.26
CA LEU A 605 -0.28 17.31 -18.75
C LEU A 605 -1.62 17.94 -18.40
N THR A 606 -1.60 19.12 -17.79
CA THR A 606 -2.84 19.83 -17.49
C THR A 606 -3.61 20.18 -18.76
N THR A 607 -2.90 20.67 -19.78
CA THR A 607 -3.55 20.97 -21.05
C THR A 607 -4.15 19.73 -21.67
N GLN A 608 -3.41 18.62 -21.66
CA GLN A 608 -3.91 17.38 -22.24
C GLN A 608 -5.14 16.88 -21.49
N LEU A 609 -5.10 16.90 -20.16
CA LEU A 609 -6.23 16.43 -19.37
C LEU A 609 -7.45 17.33 -19.58
N THR A 610 -7.26 18.64 -19.58
CA THR A 610 -8.38 19.55 -19.79
C THR A 610 -9.00 19.36 -21.17
N ILE A 611 -8.14 19.23 -22.19
CA ILE A 611 -8.64 19.02 -23.55
C ILE A 611 -9.42 17.71 -23.63
N ILE A 612 -8.85 16.64 -23.10
CA ILE A 612 -9.49 15.33 -23.18
C ILE A 612 -10.84 15.36 -22.47
N MET A 613 -10.87 15.90 -21.25
CA MET A 613 -12.10 15.88 -20.47
C MET A 613 -13.17 16.79 -21.08
N GLY A 614 -12.80 17.99 -21.49
CA GLY A 614 -13.78 18.89 -22.10
C GLY A 614 -14.30 18.38 -23.43
N GLY A 615 -13.41 17.88 -24.28
CA GLY A 615 -13.85 17.30 -25.54
C GLY A 615 -14.72 16.07 -25.33
N LYS A 616 -14.33 15.21 -24.38
CA LYS A 616 -15.17 14.07 -24.05
C LYS A 616 -16.56 14.53 -23.64
N ALA A 617 -16.64 15.46 -22.69
CA ALA A 617 -17.92 15.97 -22.24
C ALA A 617 -18.75 16.46 -23.42
N ILE A 618 -18.26 17.50 -24.10
CA ILE A 618 -19.04 18.15 -25.16
C ILE A 618 -19.39 17.16 -26.26
N TRP A 619 -18.37 16.62 -26.93
CA TRP A 619 -18.59 15.81 -28.12
C TRP A 619 -19.33 14.51 -27.78
N ASN A 620 -18.92 13.83 -26.70
CA ASN A 620 -19.56 12.57 -26.34
C ASN A 620 -21.02 12.78 -25.94
N ASN A 621 -21.32 13.87 -25.22
CA ASN A 621 -22.72 14.13 -24.87
C ASN A 621 -23.54 14.47 -26.11
N ILE A 622 -22.95 15.24 -27.04
CA ILE A 622 -23.65 15.53 -28.28
C ILE A 622 -23.91 14.25 -29.07
N ALA A 623 -22.91 13.35 -29.09
CA ALA A 623 -23.08 12.08 -29.78
C ALA A 623 -24.15 11.22 -29.11
N GLU A 624 -24.17 11.19 -27.78
CA GLU A 624 -25.20 10.43 -27.08
C GLU A 624 -26.59 11.01 -27.34
N VAL A 625 -26.67 12.31 -27.55
CA VAL A 625 -27.94 12.93 -27.93
C VAL A 625 -28.32 12.53 -29.35
N LEU A 626 -27.35 12.56 -30.27
CA LEU A 626 -27.69 12.52 -31.69
C LEU A 626 -27.75 11.10 -32.25
N LEU A 627 -26.75 10.27 -31.96
CA LEU A 627 -26.67 8.95 -32.58
C LEU A 627 -27.93 8.12 -32.37
N PRO A 628 -28.49 8.00 -31.16
CA PRO A 628 -29.83 7.39 -31.06
C PRO A 628 -30.88 8.16 -31.84
N TRP A 629 -30.83 9.50 -31.77
CA TRP A 629 -31.77 10.30 -32.53
C TRP A 629 -31.54 10.18 -34.03
N VAL A 630 -30.26 10.08 -34.45
CA VAL A 630 -29.97 9.89 -35.86
C VAL A 630 -30.50 8.54 -36.35
N MET A 631 -30.33 7.49 -35.55
CA MET A 631 -30.87 6.19 -35.92
C MET A 631 -32.39 6.21 -35.96
N ASN A 632 -33.03 6.91 -35.02
CA ASN A 632 -34.49 7.06 -35.07
C ASN A 632 -34.91 7.79 -36.34
N LEU A 633 -34.18 8.86 -36.71
CA LEU A 633 -34.51 9.60 -37.92
C LEU A 633 -34.35 8.74 -39.16
N ILE A 634 -33.28 7.96 -39.23
CA ILE A 634 -33.06 7.12 -40.40
C ILE A 634 -34.09 5.99 -40.46
N GLY A 635 -34.55 5.51 -39.30
CA GLY A 635 -35.62 4.54 -39.30
C GLY A 635 -36.94 5.13 -39.76
N ARG A 636 -37.22 6.37 -39.35
CA ARG A 636 -38.45 7.02 -39.77
C ARG A 636 -38.42 7.35 -41.26
N TYR A 637 -37.25 7.69 -41.79
CA TYR A 637 -37.11 7.91 -43.23
C TYR A 637 -37.38 6.66 -44.03
N LYS A 638 -37.16 5.48 -43.44
CA LYS A 638 -37.45 4.23 -44.16
C LYS A 638 -38.94 4.10 -44.47
N ARG A 639 -39.79 4.48 -43.52
CA ARG A 639 -41.24 4.40 -43.67
C ARG A 639 -41.71 2.99 -44.03
N LYS A 645 -51.14 9.01 -40.35
CA LYS A 645 -49.98 9.27 -39.49
C LYS A 645 -50.22 8.81 -38.06
N ILE A 646 -51.45 8.36 -37.79
CA ILE A 646 -51.78 7.86 -36.46
C ILE A 646 -51.13 6.49 -36.28
N THR A 647 -50.36 6.34 -35.20
CA THR A 647 -49.61 5.12 -34.95
C THR A 647 -49.81 4.66 -33.51
N PRO A 648 -49.86 3.36 -33.27
CA PRO A 648 -50.08 2.86 -31.91
C PRO A 648 -48.80 2.82 -31.08
N ARG A 649 -48.93 2.43 -29.81
CA ARG A 649 -47.78 2.47 -28.91
C ARG A 649 -46.67 1.52 -29.36
N TRP A 650 -47.04 0.29 -29.76
CA TRP A 650 -46.01 -0.67 -30.15
C TRP A 650 -45.26 -0.22 -31.40
N GLU A 651 -45.98 0.35 -32.38
CA GLU A 651 -45.30 0.87 -33.56
C GLU A 651 -44.45 2.09 -33.21
N GLN A 652 -44.92 2.93 -32.29
CA GLN A 652 -44.17 4.12 -31.88
C GLN A 652 -42.89 3.76 -31.14
N ASP A 653 -42.87 2.65 -30.40
CA ASP A 653 -41.71 2.27 -29.60
C ASP A 653 -40.78 1.29 -30.29
N TYR A 654 -41.30 0.45 -31.19
CA TYR A 654 -40.45 -0.47 -31.92
C TYR A 654 -39.53 0.26 -32.88
N HIS A 655 -39.97 1.40 -33.43
CA HIS A 655 -39.12 2.19 -34.29
C HIS A 655 -38.16 3.03 -33.44
N LEU A 656 -37.51 2.37 -32.48
CA LEU A 656 -36.49 2.96 -31.64
C LEU A 656 -35.41 1.91 -31.41
N GLN A 657 -34.18 2.37 -31.20
CA GLN A 657 -33.08 1.45 -31.05
C GLN A 657 -33.23 0.65 -29.76
N PRO A 658 -33.14 -0.68 -29.82
CA PRO A 658 -33.15 -1.47 -28.58
C PRO A 658 -31.91 -1.20 -27.75
N MET A 659 -32.08 -1.26 -26.43
CA MET A 659 -30.97 -0.98 -25.52
C MET A 659 -29.90 -2.07 -25.60
N GLY A 660 -30.33 -3.33 -25.61
CA GLY A 660 -29.40 -4.44 -25.61
C GLY A 660 -29.22 -5.02 -24.22
N LYS A 661 -28.62 -6.21 -24.18
CA LYS A 661 -28.40 -6.89 -22.91
C LYS A 661 -27.36 -6.19 -22.05
N LEU A 662 -26.47 -5.39 -22.64
CA LEU A 662 -25.47 -4.67 -21.86
C LEU A 662 -26.08 -3.48 -21.14
N GLY A 663 -26.65 -2.54 -21.91
CA GLY A 663 -27.34 -1.41 -21.32
C GLY A 663 -26.44 -0.32 -20.80
N LEU A 664 -26.45 -0.12 -19.49
CA LEU A 664 -25.70 0.95 -18.84
C LEU A 664 -24.22 0.65 -18.69
N PHE A 665 -23.73 -0.42 -19.33
CA PHE A 665 -22.32 -0.77 -19.23
C PHE A 665 -21.43 0.34 -19.77
N TYR A 666 -21.80 0.93 -20.91
CA TYR A 666 -20.97 1.96 -21.51
C TYR A 666 -21.00 3.25 -20.71
N GLU A 667 -22.16 3.63 -20.15
CA GLU A 667 -22.22 4.81 -19.30
C GLU A 667 -21.41 4.61 -18.03
N TYR A 668 -21.48 3.41 -17.44
CA TYR A 668 -20.64 3.11 -16.29
C TYR A 668 -19.17 3.20 -16.65
N LEU A 669 -18.78 2.69 -17.83
CA LEU A 669 -17.39 2.76 -18.26
C LEU A 669 -16.95 4.22 -18.44
N GLU A 670 -17.82 5.05 -19.03
CA GLU A 670 -17.49 6.47 -19.20
C GLU A 670 -17.29 7.13 -17.84
N MET A 671 -18.18 6.86 -16.89
CA MET A 671 -18.04 7.46 -15.57
C MET A 671 -16.81 6.96 -14.84
N ILE A 672 -16.43 5.70 -15.04
CA ILE A 672 -15.22 5.17 -14.41
C ILE A 672 -13.98 5.84 -15.01
N ILE A 673 -13.99 6.06 -16.33
CA ILE A 673 -12.88 6.78 -16.97
C ILE A 673 -12.81 8.21 -16.45
N GLN A 674 -13.96 8.85 -16.26
CA GLN A 674 -13.98 10.20 -15.69
C GLN A 674 -13.43 10.20 -14.27
N PHE A 675 -13.80 9.20 -13.47
CA PHE A 675 -13.27 9.10 -12.12
C PHE A 675 -11.76 8.91 -12.13
N GLY A 676 -11.26 8.08 -13.04
CA GLY A 676 -9.83 7.92 -13.18
C GLY A 676 -9.13 9.22 -13.56
N PHE A 677 -9.72 9.97 -14.49
CA PHE A 677 -9.15 11.26 -14.87
C PHE A 677 -9.14 12.22 -13.70
N VAL A 678 -10.21 12.23 -12.90
CA VAL A 678 -10.31 13.17 -11.79
C VAL A 678 -9.32 12.81 -10.69
N THR A 679 -9.22 11.52 -10.34
CA THR A 679 -8.46 11.11 -9.16
C THR A 679 -7.01 10.78 -9.47
N LEU A 680 -6.75 9.97 -10.50
CA LEU A 680 -5.39 9.55 -10.80
C LEU A 680 -4.49 10.73 -11.12
N PHE A 681 -5.04 11.79 -11.73
CA PHE A 681 -4.24 12.90 -12.22
C PHE A 681 -4.63 14.23 -11.59
N VAL A 682 -5.09 14.21 -10.33
CA VAL A 682 -5.57 15.43 -9.69
C VAL A 682 -4.43 16.33 -9.23
N ALA A 683 -3.20 15.82 -9.19
CA ALA A 683 -2.06 16.65 -8.77
C ALA A 683 -1.66 17.66 -9.84
N SER A 684 -2.23 17.58 -11.04
CA SER A 684 -1.84 18.50 -12.11
C SER A 684 -2.54 19.84 -11.96
N PHE A 685 -3.88 19.83 -12.00
CA PHE A 685 -4.66 21.06 -11.86
C PHE A 685 -5.88 20.79 -10.99
N PRO A 686 -6.15 21.65 -10.01
CA PRO A 686 -7.31 21.42 -9.13
C PRO A 686 -8.66 21.67 -9.78
N LEU A 687 -8.69 22.20 -10.99
CA LEU A 687 -9.94 22.57 -11.64
C LEU A 687 -10.60 21.41 -12.38
N ALA A 688 -9.99 20.22 -12.38
CA ALA A 688 -10.61 19.06 -13.01
C ALA A 688 -11.97 18.73 -12.41
N PRO A 689 -12.15 18.66 -11.08
CA PRO A 689 -13.49 18.33 -10.56
C PRO A 689 -14.57 19.28 -11.00
N LEU A 690 -14.28 20.58 -11.13
CA LEU A 690 -15.31 21.54 -11.51
C LEU A 690 -15.97 21.15 -12.83
N LEU A 691 -15.17 21.12 -13.90
CA LEU A 691 -15.70 20.69 -15.18
C LEU A 691 -16.30 19.30 -15.08
N ALA A 692 -15.70 18.41 -14.28
CA ALA A 692 -16.24 17.07 -14.15
C ALA A 692 -17.65 17.11 -13.57
N LEU A 693 -17.85 17.96 -12.57
CA LEU A 693 -19.19 18.17 -12.01
C LEU A 693 -20.15 18.58 -13.10
N VAL A 694 -19.75 19.56 -13.91
CA VAL A 694 -20.59 20.01 -15.01
C VAL A 694 -20.94 18.84 -15.91
N ASN A 695 -19.93 18.03 -16.24
CA ASN A 695 -20.12 16.86 -17.08
C ASN A 695 -21.21 15.99 -16.48
N ASN A 696 -21.06 15.66 -15.20
CA ASN A 696 -22.00 14.76 -14.55
C ASN A 696 -23.41 15.32 -14.64
N ILE A 697 -23.56 16.63 -14.39
CA ILE A 697 -24.87 17.26 -14.50
C ILE A 697 -25.47 16.95 -15.85
N LEU A 698 -24.75 17.34 -16.92
CA LEU A 698 -25.25 17.10 -18.27
C LEU A 698 -25.53 15.62 -18.47
N GLU A 699 -24.64 14.77 -17.96
CA GLU A 699 -24.74 13.33 -18.17
C GLU A 699 -26.08 12.82 -17.68
N ILE A 700 -26.47 13.25 -16.47
CA ILE A 700 -27.71 12.74 -15.91
C ILE A 700 -28.86 12.99 -16.85
N ARG A 701 -28.96 14.20 -17.40
CA ARG A 701 -30.03 14.49 -18.32
C ARG A 701 -29.90 13.69 -19.61
N VAL A 702 -28.72 13.69 -20.23
CA VAL A 702 -28.62 13.12 -21.58
C VAL A 702 -28.89 11.62 -21.53
N ASP A 703 -28.26 10.93 -20.57
CA ASP A 703 -28.55 9.52 -20.36
C ASP A 703 -30.05 9.30 -20.16
N ALA A 704 -30.67 10.10 -19.28
CA ALA A 704 -32.09 9.93 -19.05
C ALA A 704 -32.88 10.10 -20.34
N TRP A 705 -32.51 11.10 -21.13
CA TRP A 705 -33.19 11.32 -22.40
C TRP A 705 -33.06 10.10 -23.29
N LYS A 706 -31.84 9.56 -23.40
CA LYS A 706 -31.63 8.39 -24.24
C LYS A 706 -32.39 7.20 -23.72
N LEU A 707 -32.67 7.15 -22.41
CA LEU A 707 -33.41 6.03 -21.85
C LEU A 707 -34.92 6.24 -21.92
N THR A 708 -35.37 7.44 -22.23
CA THR A 708 -36.81 7.72 -22.23
C THR A 708 -37.38 7.96 -23.62
N THR A 709 -36.76 8.84 -24.40
CA THR A 709 -37.30 9.24 -25.70
C THR A 709 -36.63 8.49 -26.85
N GLN A 710 -35.29 8.45 -26.85
CA GLN A 710 -34.55 7.95 -28.00
C GLN A 710 -34.59 6.43 -28.07
N PHE A 711 -34.04 5.76 -27.07
CA PHE A 711 -34.08 4.30 -27.05
C PHE A 711 -35.46 3.82 -26.63
N ARG A 712 -35.63 2.50 -26.63
CA ARG A 712 -36.84 1.89 -26.12
C ARG A 712 -36.78 1.83 -24.59
N ARG A 713 -37.76 1.15 -24.00
CA ARG A 713 -37.71 0.89 -22.58
C ARG A 713 -36.84 -0.31 -22.29
N MET A 714 -36.00 -0.21 -21.27
CA MET A 714 -35.10 -1.29 -20.92
C MET A 714 -35.79 -2.28 -19.99
N VAL A 715 -35.51 -3.56 -20.19
CA VAL A 715 -36.09 -4.59 -19.33
C VAL A 715 -35.59 -4.38 -17.90
N PRO A 716 -36.47 -4.39 -16.90
CA PRO A 716 -35.99 -4.22 -15.52
C PRO A 716 -35.03 -5.33 -15.11
N GLU A 717 -34.00 -4.95 -14.36
CA GLU A 717 -33.03 -5.90 -13.84
C GLU A 717 -32.78 -5.60 -12.37
N LYS A 718 -32.46 -6.65 -11.62
CA LYS A 718 -32.15 -6.53 -10.20
C LYS A 718 -30.65 -6.35 -10.02
N ALA A 719 -30.26 -5.28 -9.33
CA ALA A 719 -28.85 -4.98 -9.14
C ALA A 719 -28.69 -4.29 -7.78
N GLN A 720 -28.27 -5.05 -6.77
CA GLN A 720 -28.06 -4.48 -5.45
C GLN A 720 -26.84 -3.58 -5.43
N ASP A 721 -25.91 -3.76 -6.37
CA ASP A 721 -24.70 -2.96 -6.46
C ASP A 721 -24.40 -2.65 -7.91
N ILE A 722 -23.47 -1.71 -8.12
CA ILE A 722 -23.05 -1.38 -9.48
C ILE A 722 -22.30 -2.51 -10.16
N GLY A 723 -21.86 -3.51 -9.39
CA GLY A 723 -21.19 -4.66 -9.96
C GLY A 723 -19.68 -4.56 -9.96
N ALA A 724 -19.04 -5.17 -10.97
CA ALA A 724 -17.59 -5.27 -11.01
C ALA A 724 -16.93 -3.90 -11.10
N TRP A 725 -17.68 -2.86 -11.43
CA TRP A 725 -17.11 -1.51 -11.46
C TRP A 725 -16.67 -1.06 -10.08
N GLN A 726 -17.37 -1.49 -9.03
CA GLN A 726 -17.00 -1.05 -7.68
C GLN A 726 -15.64 -1.56 -7.24
N PRO A 727 -15.32 -2.86 -7.33
CA PRO A 727 -13.94 -3.28 -7.02
C PRO A 727 -12.92 -2.61 -7.91
N ILE A 728 -13.25 -2.41 -9.19
CA ILE A 728 -12.35 -1.72 -10.10
C ILE A 728 -12.03 -0.34 -9.55
N MET A 729 -13.06 0.41 -9.15
CA MET A 729 -12.83 1.73 -8.56
C MET A 729 -11.95 1.63 -7.34
N GLN A 730 -12.17 0.61 -6.50
CA GLN A 730 -11.30 0.44 -5.33
C GLN A 730 -9.85 0.33 -5.78
N GLY A 731 -9.58 -0.54 -6.74
CA GLY A 731 -8.23 -0.67 -7.25
C GLY A 731 -7.73 0.64 -7.82
N ILE A 732 -8.62 1.37 -8.48
CA ILE A 732 -8.26 2.67 -9.05
C ILE A 732 -7.74 3.58 -7.94
N ALA A 733 -8.46 3.64 -6.83
CA ALA A 733 -8.03 4.47 -5.70
C ALA A 733 -6.68 4.01 -5.18
N ILE A 734 -6.50 2.68 -5.10
CA ILE A 734 -5.23 2.14 -4.62
C ILE A 734 -4.09 2.60 -5.52
N LEU A 735 -4.35 2.67 -6.83
CA LEU A 735 -3.35 3.23 -7.73
C LEU A 735 -3.25 4.74 -7.56
N ALA A 736 -4.40 5.40 -7.44
CA ALA A 736 -4.48 6.86 -7.58
C ALA A 736 -3.66 7.55 -6.52
N VAL A 737 -3.76 7.10 -5.27
CA VAL A 737 -2.92 7.65 -4.21
C VAL A 737 -1.47 7.70 -4.67
N VAL A 738 -0.92 6.52 -4.99
CA VAL A 738 0.47 6.43 -5.41
C VAL A 738 0.71 7.35 -6.61
N THR A 739 -0.22 7.32 -7.56
CA THR A 739 -0.04 8.09 -8.79
C THR A 739 0.07 9.57 -8.48
N ASN A 740 -0.81 10.06 -7.62
CA ASN A 740 -0.74 11.47 -7.25
C ASN A 740 0.59 11.79 -6.60
N ALA A 741 1.05 10.91 -5.70
CA ALA A 741 2.37 11.12 -5.09
C ALA A 741 3.43 11.24 -6.17
N MET A 742 3.41 10.32 -7.13
CA MET A 742 4.41 10.35 -8.20
C MET A 742 4.31 11.64 -8.98
N ILE A 743 3.09 12.10 -9.28
CA ILE A 743 2.93 13.31 -10.06
C ILE A 743 3.49 14.50 -9.29
N ILE A 744 3.35 14.50 -7.96
CA ILE A 744 3.90 15.59 -7.18
C ILE A 744 5.42 15.50 -7.14
N ALA A 745 5.96 14.29 -7.19
CA ALA A 745 7.40 14.12 -7.05
C ALA A 745 8.12 14.31 -8.38
N PHE A 746 7.91 13.41 -9.33
CA PHE A 746 8.60 13.44 -10.62
C PHE A 746 7.97 14.46 -11.56
N THR A 747 6.66 14.36 -11.79
CA THR A 747 6.01 15.21 -12.78
C THR A 747 6.00 16.67 -12.34
N SER A 748 5.60 16.93 -11.10
CA SER A 748 5.59 18.29 -10.58
C SER A 748 6.97 18.64 -10.03
N ASP A 749 7.49 19.79 -10.42
CA ASP A 749 8.79 20.26 -9.98
C ASP A 749 8.72 21.04 -8.68
N MET A 750 7.67 20.83 -7.88
CA MET A 750 7.58 21.49 -6.58
C MET A 750 8.68 21.00 -5.64
N ILE A 751 9.01 19.70 -5.72
CA ILE A 751 10.04 19.16 -4.83
C ILE A 751 11.39 19.82 -5.04
N PRO A 752 11.89 20.00 -6.28
CA PRO A 752 13.15 20.76 -6.43
C PRO A 752 13.08 22.18 -5.89
N ARG A 753 11.93 22.86 -6.04
CA ARG A 753 11.82 24.22 -5.53
C ARG A 753 11.87 24.24 -4.01
N LEU A 754 11.16 23.31 -3.36
CA LEU A 754 11.22 23.22 -1.90
C LEU A 754 12.62 22.85 -1.43
N VAL A 755 13.28 21.94 -2.15
CA VAL A 755 14.64 21.55 -1.80
C VAL A 755 15.58 22.76 -1.87
N TYR A 756 15.48 23.55 -2.94
CA TYR A 756 16.29 24.75 -3.04
C TYR A 756 15.98 25.70 -1.89
N TYR A 757 14.69 26.00 -1.69
CA TYR A 757 14.28 27.00 -0.69
C TYR A 757 14.68 26.61 0.73
N TRP A 758 14.80 25.31 1.02
CA TRP A 758 15.14 24.88 2.36
C TRP A 758 16.55 24.34 2.52
N SER A 759 17.34 24.25 1.45
CA SER A 759 18.69 23.71 1.60
C SER A 759 19.77 24.44 0.81
N PHE A 760 19.45 25.30 -0.14
CA PHE A 760 20.47 25.90 -1.00
C PHE A 760 20.56 27.41 -0.91
N SER A 761 19.58 28.08 -0.31
CA SER A 761 19.71 29.51 -0.07
C SER A 761 20.77 29.84 0.97
N ILE A 762 21.23 28.84 1.72
CA ILE A 762 22.24 29.03 2.76
C ILE A 762 23.56 29.43 2.13
N PRO A 763 24.40 30.21 2.82
CA PRO A 763 25.69 30.64 2.24
C PRO A 763 26.57 29.48 1.79
N PRO A 764 26.61 28.35 2.53
CA PRO A 764 27.42 27.22 2.02
C PRO A 764 26.98 26.71 0.67
N TYR A 765 25.70 26.84 0.32
CA TYR A 765 25.21 26.45 -1.00
C TYR A 765 24.78 27.62 -1.86
N GLY A 766 24.43 28.76 -1.26
CA GLY A 766 24.05 29.93 -2.03
C GLY A 766 24.67 31.21 -1.50
N ASP A 767 23.90 32.29 -1.46
CA ASP A 767 24.40 33.56 -0.95
C ASP A 767 23.43 34.30 -0.04
N HIS A 768 22.15 33.91 0.02
CA HIS A 768 21.18 34.64 0.82
C HIS A 768 21.37 34.35 2.31
N THR A 769 21.19 35.38 3.13
CA THR A 769 21.32 35.21 4.57
C THR A 769 20.23 34.29 5.12
N TYR A 770 19.01 34.45 4.65
CA TYR A 770 17.88 33.65 5.10
C TYR A 770 17.31 32.86 3.91
N GLU A 795 28.20 14.03 -35.58
CA GLU A 795 27.11 14.91 -35.93
C GLU A 795 27.37 16.34 -35.46
N ASN A 796 27.13 16.58 -34.17
CA ASN A 796 27.33 17.88 -33.53
C ASN A 796 26.56 18.97 -34.25
N PRO A 797 25.23 18.96 -34.21
CA PRO A 797 24.47 20.02 -34.89
C PRO A 797 24.37 21.32 -34.10
N TYR A 798 24.91 21.36 -32.88
CA TYR A 798 24.80 22.57 -32.06
C TYR A 798 25.51 23.75 -32.71
N ILE A 799 26.71 23.52 -33.25
CA ILE A 799 27.44 24.59 -33.91
C ILE A 799 26.76 24.99 -35.21
N GLY A 800 26.19 24.02 -35.93
CA GLY A 800 25.49 24.33 -37.16
C GLY A 800 24.23 25.15 -36.95
N LEU A 801 23.51 24.87 -35.87
CA LEU A 801 22.22 25.51 -35.60
C LEU A 801 22.34 26.80 -34.80
N GLY A 802 23.53 27.16 -34.35
CA GLY A 802 23.67 28.39 -33.58
C GLY A 802 25.13 28.68 -33.30
N ASN A 803 25.37 29.87 -32.77
CA ASN A 803 26.70 30.34 -32.43
C ASN A 803 26.81 30.62 -30.93
N TYR A 804 26.13 29.81 -30.13
CA TYR A 804 26.15 29.95 -28.68
C TYR A 804 27.25 29.10 -28.08
N THR A 805 27.74 29.54 -26.91
CA THR A 805 28.87 28.89 -26.26
C THR A 805 28.43 27.93 -25.15
N LEU A 806 27.58 28.39 -24.23
CA LEU A 806 27.09 27.57 -23.13
C LEU A 806 25.57 27.65 -23.10
N CYS A 807 24.92 26.49 -23.15
CA CYS A 807 23.48 26.40 -23.07
C CYS A 807 23.08 25.74 -21.76
N ARG A 808 21.94 26.17 -21.22
CA ARG A 808 21.44 25.69 -19.94
C ARG A 808 20.45 24.57 -20.18
N TYR A 809 20.71 23.41 -19.60
CA TYR A 809 19.83 22.26 -19.73
C TYR A 809 19.02 22.06 -18.45
N ARG A 810 17.81 21.51 -18.61
CA ARG A 810 16.93 21.21 -17.48
C ARG A 810 17.37 19.90 -16.83
N ASP A 811 18.47 19.98 -16.09
CA ASP A 811 18.97 18.85 -15.34
C ASP A 811 19.89 19.37 -14.26
N PHE A 812 20.11 18.54 -13.24
CA PHE A 812 20.96 18.89 -12.12
C PHE A 812 22.39 18.40 -12.30
N ARG A 813 22.75 17.91 -13.49
CA ARG A 813 24.05 17.31 -13.71
C ARG A 813 25.17 18.33 -13.55
N ASN A 814 26.40 17.86 -13.65
CA ASN A 814 27.57 18.67 -13.34
C ASN A 814 27.76 19.79 -14.35
N PRO A 815 27.82 21.05 -13.93
CA PRO A 815 28.16 22.13 -14.85
C PRO A 815 29.64 22.11 -15.19
N PRO A 816 30.07 22.88 -16.18
CA PRO A 816 31.50 22.95 -16.49
C PRO A 816 32.30 23.48 -15.31
N GLY A 817 33.52 22.96 -15.16
CA GLY A 817 34.37 23.23 -14.03
C GLY A 817 34.39 22.13 -12.99
N HIS A 818 33.40 21.24 -13.01
CA HIS A 818 33.41 20.10 -12.12
C HIS A 818 34.46 19.08 -12.59
N PRO A 819 35.11 18.35 -11.66
CA PRO A 819 36.09 17.34 -12.09
C PRO A 819 35.52 16.31 -13.04
N GLN A 820 34.27 15.89 -12.84
CA GLN A 820 33.57 14.99 -13.75
C GLN A 820 32.34 15.74 -14.26
N GLU A 821 32.53 16.52 -15.32
CA GLU A 821 31.46 17.35 -15.86
C GLU A 821 30.49 16.52 -16.69
N TYR A 822 29.32 17.08 -16.95
CA TYR A 822 28.25 16.44 -17.72
C TYR A 822 27.84 15.10 -17.09
N LYS A 823 27.80 15.06 -15.77
CA LYS A 823 27.49 13.83 -15.04
C LYS A 823 26.66 14.16 -13.81
N HIS A 824 26.09 13.12 -13.22
CA HIS A 824 25.27 13.29 -12.02
C HIS A 824 26.10 13.86 -10.88
N ASN A 825 25.44 14.61 -10.00
CA ASN A 825 26.12 15.29 -8.91
C ASN A 825 25.35 15.05 -7.62
N ILE A 826 25.72 15.80 -6.58
CA ILE A 826 25.01 15.73 -5.32
C ILE A 826 23.57 16.21 -5.49
N TYR A 827 23.37 17.25 -6.29
CA TYR A 827 22.04 17.86 -6.42
C TYR A 827 21.03 16.86 -6.99
N TYR A 828 21.42 16.13 -8.03
CA TYR A 828 20.48 15.21 -8.66
C TYR A 828 20.05 14.10 -7.71
N TRP A 829 21.00 13.48 -7.02
CA TRP A 829 20.67 12.42 -6.09
C TRP A 829 19.93 12.96 -4.87
N HIS A 830 20.25 14.17 -4.42
CA HIS A 830 19.50 14.78 -3.34
C HIS A 830 18.03 14.98 -3.74
N VAL A 831 17.81 15.48 -4.95
CA VAL A 831 16.45 15.71 -5.43
C VAL A 831 15.71 14.39 -5.58
N ILE A 832 16.37 13.37 -6.12
CA ILE A 832 15.72 12.06 -6.27
C ILE A 832 15.40 11.46 -4.91
N ALA A 833 16.31 11.59 -3.94
CA ALA A 833 16.03 11.10 -2.59
C ALA A 833 14.86 11.84 -1.96
N ALA A 834 14.80 13.16 -2.16
CA ALA A 834 13.68 13.93 -1.64
C ALA A 834 12.37 13.49 -2.26
N LYS A 835 12.36 13.26 -3.58
CA LYS A 835 11.15 12.79 -4.25
C LYS A 835 10.72 11.44 -3.72
N LEU A 836 11.66 10.50 -3.58
CA LEU A 836 11.31 9.16 -3.09
C LEU A 836 10.82 9.20 -1.66
N ALA A 837 11.47 10.01 -0.80
CA ALA A 837 11.05 10.13 0.59
C ALA A 837 9.66 10.75 0.68
N PHE A 838 9.39 11.78 -0.13
CA PHE A 838 8.07 12.38 -0.15
C PHE A 838 7.03 11.37 -0.61
N ILE A 839 7.35 10.57 -1.64
CA ILE A 839 6.41 9.57 -2.11
C ILE A 839 6.11 8.56 -1.01
N ILE A 840 7.15 8.09 -0.32
CA ILE A 840 6.95 7.11 0.74
C ILE A 840 6.10 7.69 1.87
N VAL A 841 6.43 8.90 2.29
CA VAL A 841 5.70 9.54 3.39
C VAL A 841 4.24 9.75 3.01
N MET A 842 4.00 10.26 1.80
CA MET A 842 2.63 10.52 1.36
C MET A 842 1.85 9.22 1.23
N GLU A 843 2.46 8.19 0.64
CA GLU A 843 1.78 6.90 0.52
C GLU A 843 1.39 6.36 1.88
N HIS A 844 2.35 6.32 2.82
CA HIS A 844 2.06 5.74 4.12
C HIS A 844 1.04 6.56 4.90
N ILE A 845 1.17 7.88 4.89
CA ILE A 845 0.24 8.73 5.64
C ILE A 845 -1.16 8.64 5.07
N ILE A 846 -1.27 8.70 3.73
CA ILE A 846 -2.59 8.63 3.12
C ILE A 846 -3.22 7.27 3.31
N TYR A 847 -2.43 6.20 3.22
CA TYR A 847 -2.96 4.87 3.46
C TYR A 847 -3.44 4.71 4.90
N SER A 848 -2.67 5.25 5.86
CA SER A 848 -3.10 5.21 7.26
C SER A 848 -4.38 6.00 7.46
N VAL A 849 -4.50 7.16 6.82
CA VAL A 849 -5.72 7.96 6.91
C VAL A 849 -6.91 7.19 6.32
N LYS A 850 -6.69 6.53 5.18
CA LYS A 850 -7.77 5.75 4.56
C LYS A 850 -8.19 4.61 5.47
N PHE A 851 -7.23 3.92 6.08
CA PHE A 851 -7.56 2.83 6.99
C PHE A 851 -8.33 3.35 8.21
N PHE A 852 -7.90 4.49 8.75
CA PHE A 852 -8.59 5.08 9.90
C PHE A 852 -10.02 5.47 9.55
N ILE A 853 -10.22 6.06 8.37
CA ILE A 853 -11.56 6.47 7.97
C ILE A 853 -12.45 5.25 7.73
N SER A 854 -11.90 4.22 7.09
CA SER A 854 -12.69 3.01 6.85
C SER A 854 -13.07 2.32 8.16
N TYR A 855 -12.13 2.30 9.12
CA TYR A 855 -12.40 1.63 10.40
C TYR A 855 -13.39 2.44 11.24
N ALA A 856 -13.21 3.77 11.28
CA ALA A 856 -14.07 4.61 12.11
C ALA A 856 -15.48 4.69 11.54
N ILE A 857 -15.60 4.93 10.25
CA ILE A 857 -16.91 5.07 9.61
C ILE A 857 -17.43 3.68 9.25
N PRO A 858 -18.52 3.22 9.86
CA PRO A 858 -19.06 1.90 9.53
C PRO A 858 -19.68 1.88 8.13
N ASP A 859 -19.68 0.70 7.54
CA ASP A 859 -20.25 0.51 6.21
C ASP A 859 -21.77 0.55 6.21
N VAL A 860 -22.42 0.54 7.37
CA VAL A 860 -23.87 0.55 7.48
C VAL A 860 -24.26 1.75 8.35
N SER A 861 -25.24 2.51 7.87
CA SER A 861 -25.69 3.69 8.60
C SER A 861 -26.46 3.30 9.85
N LYS A 862 -26.37 4.15 10.88
CA LYS A 862 -27.11 3.91 12.11
C LYS A 862 -28.61 3.94 11.87
N ILE A 863 -29.07 4.88 11.06
CA ILE A 863 -30.49 4.94 10.71
C ILE A 863 -30.89 3.70 9.92
N THR A 864 -30.01 3.23 9.03
CA THR A 864 -30.28 2.02 8.26
C THR A 864 -30.40 0.81 9.19
N SER B 264 -15.66 -43.49 26.82
CA SER B 264 -14.47 -42.85 27.35
C SER B 264 -13.77 -42.02 26.27
N GLU B 265 -14.42 -40.92 25.87
CA GLU B 265 -13.84 -40.05 24.85
C GLU B 265 -12.54 -39.41 25.35
N ARG B 266 -12.52 -38.98 26.61
CA ARG B 266 -11.34 -38.29 27.13
C ARG B 266 -10.15 -39.24 27.24
N TYR B 267 -10.39 -40.51 27.56
CA TYR B 267 -9.28 -41.45 27.66
C TYR B 267 -8.56 -41.60 26.33
N LEU B 268 -9.32 -41.81 25.25
CA LEU B 268 -8.69 -41.90 23.93
C LEU B 268 -8.08 -40.56 23.51
N LEU B 269 -8.78 -39.46 23.81
CA LEU B 269 -8.28 -38.14 23.45
C LEU B 269 -7.00 -37.78 24.20
N TYR B 270 -6.74 -38.41 25.34
CA TYR B 270 -5.50 -38.24 26.07
C TYR B 270 -4.44 -39.27 25.68
N ARG B 271 -4.84 -40.45 25.23
CA ARG B 271 -3.88 -41.47 24.84
C ARG B 271 -3.27 -41.17 23.48
N GLU B 272 -4.12 -40.94 22.47
CA GLU B 272 -3.66 -40.67 21.12
C GLU B 272 -3.50 -39.19 20.82
N TRP B 273 -3.73 -38.32 21.81
CA TRP B 273 -3.63 -36.88 21.61
C TRP B 273 -3.38 -36.24 22.97
N ALA B 274 -2.96 -34.99 22.95
CA ALA B 274 -2.72 -34.20 24.17
C ALA B 274 -1.74 -34.91 25.10
N HIS B 275 -0.69 -35.48 24.51
CA HIS B 275 0.28 -36.24 25.29
C HIS B 275 1.66 -36.06 24.66
N PRO B 276 2.71 -35.92 25.47
CA PRO B 276 4.05 -35.73 24.89
C PRO B 276 4.50 -36.87 24.00
N ARG B 277 4.09 -38.10 24.31
CA ARG B 277 4.47 -39.24 23.48
C ARG B 277 3.84 -39.16 22.09
N SER B 278 2.59 -38.70 22.01
CA SER B 278 1.86 -38.62 20.75
C SER B 278 2.09 -37.29 20.02
N ILE B 279 3.23 -36.62 20.27
CA ILE B 279 3.50 -35.32 19.67
C ILE B 279 3.63 -35.39 18.15
N TYR B 280 3.99 -36.55 17.60
CA TYR B 280 4.21 -36.71 16.17
C TYR B 280 3.06 -37.44 15.49
N LYS B 281 1.84 -37.17 15.95
CA LYS B 281 0.64 -37.77 15.38
C LYS B 281 -0.34 -36.68 14.97
N LYS B 282 -1.14 -36.99 13.95
CA LYS B 282 -2.12 -36.03 13.45
C LYS B 282 -3.21 -35.79 14.49
N GLN B 283 -3.77 -34.59 14.45
CA GLN B 283 -4.78 -34.19 15.42
C GLN B 283 -6.15 -34.69 14.99
N PRO B 284 -6.87 -35.41 15.85
CA PRO B 284 -8.25 -35.81 15.51
C PRO B 284 -9.19 -34.62 15.56
N LEU B 285 -9.21 -33.83 14.48
CA LEU B 285 -9.98 -32.60 14.47
C LEU B 285 -11.46 -32.86 14.65
N ASP B 286 -12.00 -33.89 13.99
CA ASP B 286 -13.40 -34.24 14.18
C ASP B 286 -13.68 -34.68 15.61
N LEU B 287 -12.78 -35.49 16.19
CA LEU B 287 -12.98 -35.96 17.55
C LEU B 287 -12.93 -34.81 18.55
N ILE B 288 -11.97 -33.90 18.39
CA ILE B 288 -11.88 -32.76 19.30
C ILE B 288 -13.01 -31.78 19.08
N ARG B 289 -13.57 -31.72 17.87
CA ARG B 289 -14.79 -30.94 17.66
C ARG B 289 -15.97 -31.56 18.39
N LYS B 290 -16.08 -32.89 18.35
CA LYS B 290 -17.15 -33.58 19.05
C LYS B 290 -16.99 -33.47 20.56
N TYR B 291 -15.75 -33.35 21.05
CA TYR B 291 -15.54 -33.28 22.49
C TYR B 291 -15.60 -31.85 23.01
N TYR B 292 -14.65 -31.00 22.57
CA TYR B 292 -14.53 -29.66 23.11
C TYR B 292 -15.53 -28.68 22.47
N GLY B 293 -15.46 -28.50 21.16
CA GLY B 293 -16.38 -27.61 20.49
C GLY B 293 -15.80 -27.13 19.17
N GLU B 294 -16.54 -26.21 18.55
CA GLU B 294 -16.14 -25.67 17.25
C GLU B 294 -14.93 -24.76 17.37
N LYS B 295 -14.92 -23.88 18.37
CA LYS B 295 -13.85 -22.90 18.49
C LYS B 295 -12.51 -23.57 18.78
N ILE B 296 -12.50 -24.56 19.67
CA ILE B 296 -11.28 -25.29 19.99
C ILE B 296 -10.75 -25.99 18.74
N GLY B 297 -11.65 -26.65 18.00
CA GLY B 297 -11.23 -27.35 16.81
C GLY B 297 -10.68 -26.43 15.74
N ILE B 298 -11.34 -25.29 15.52
CA ILE B 298 -10.85 -24.36 14.51
C ILE B 298 -9.53 -23.73 14.95
N TYR B 299 -9.35 -23.48 16.25
CA TYR B 299 -8.06 -22.97 16.72
C TYR B 299 -6.94 -23.98 16.48
N PHE B 300 -7.20 -25.25 16.80
CA PHE B 300 -6.16 -26.26 16.59
C PHE B 300 -5.88 -26.48 15.11
N ALA B 301 -6.91 -26.44 14.27
CA ALA B 301 -6.71 -26.55 12.83
C ALA B 301 -5.88 -25.38 12.30
N TRP B 302 -6.18 -24.17 12.77
CA TRP B 302 -5.41 -23.00 12.35
C TRP B 302 -3.96 -23.11 12.80
N LEU B 303 -3.72 -23.60 14.02
CA LEU B 303 -2.35 -23.77 14.48
C LEU B 303 -1.62 -24.83 13.65
N GLY B 304 -2.31 -25.91 13.30
CA GLY B 304 -1.69 -26.93 12.47
C GLY B 304 -1.35 -26.43 11.07
N TYR B 305 -2.25 -25.66 10.47
CA TYR B 305 -1.98 -25.09 9.15
C TYR B 305 -0.85 -24.06 9.22
N TYR B 306 -0.82 -23.27 10.29
CA TYR B 306 0.29 -22.34 10.50
C TYR B 306 1.61 -23.08 10.60
N THR B 307 1.63 -24.19 11.33
CA THR B 307 2.83 -25.02 11.44
C THR B 307 3.23 -25.58 10.08
N GLN B 308 2.24 -26.02 9.30
CA GLN B 308 2.51 -26.56 7.97
C GLN B 308 3.17 -25.51 7.08
N MET B 309 2.63 -24.30 7.07
CA MET B 309 3.22 -23.24 6.26
C MET B 309 4.60 -22.85 6.76
N LEU B 310 4.77 -22.74 8.09
CA LEU B 310 6.08 -22.43 8.63
C LEU B 310 7.09 -23.53 8.36
N LEU B 311 6.65 -24.76 8.07
CA LEU B 311 7.60 -25.79 7.66
C LEU B 311 8.31 -25.42 6.37
N LEU B 312 7.54 -25.05 5.33
CA LEU B 312 8.15 -24.62 4.08
C LEU B 312 8.91 -23.31 4.27
N ALA B 313 8.37 -22.41 5.08
CA ALA B 313 9.09 -21.17 5.41
C ALA B 313 10.47 -21.48 5.97
N ALA B 314 10.53 -22.43 6.92
CA ALA B 314 11.78 -22.82 7.54
C ALA B 314 12.72 -23.50 6.54
N VAL B 315 12.17 -24.32 5.66
CA VAL B 315 13.01 -25.00 4.66
C VAL B 315 13.71 -23.97 3.79
N VAL B 316 12.95 -22.99 3.29
CA VAL B 316 13.54 -21.97 2.43
C VAL B 316 14.51 -21.09 3.22
N GLY B 317 14.17 -20.79 4.47
CA GLY B 317 15.07 -20.00 5.31
C GLY B 317 16.39 -20.71 5.56
N VAL B 318 16.34 -22.02 5.82
CA VAL B 318 17.55 -22.79 6.04
C VAL B 318 18.36 -22.86 4.74
N ALA B 319 17.69 -22.99 3.60
CA ALA B 319 18.40 -22.98 2.32
C ALA B 319 19.16 -21.67 2.12
N CYS B 320 18.49 -20.55 2.39
CA CYS B 320 19.16 -19.25 2.24
C CYS B 320 20.27 -19.07 3.26
N PHE B 321 20.07 -19.57 4.49
CA PHE B 321 21.11 -19.48 5.50
C PHE B 321 22.33 -20.30 5.10
N LEU B 322 22.12 -21.49 4.52
CA LEU B 322 23.23 -22.30 4.03
C LEU B 322 23.94 -21.61 2.87
N TYR B 323 23.17 -20.95 1.99
CA TYR B 323 23.80 -20.17 0.91
C TYR B 323 24.68 -19.08 1.48
N GLY B 324 24.19 -18.35 2.48
CA GLY B 324 25.00 -17.31 3.11
C GLY B 324 26.23 -17.86 3.80
N TYR B 325 26.08 -19.00 4.49
CA TYR B 325 27.21 -19.62 5.17
C TYR B 325 28.28 -20.09 4.18
N LEU B 326 27.84 -20.65 3.04
CA LEU B 326 28.79 -21.06 2.02
C LEU B 326 29.52 -19.86 1.43
N ASP B 327 28.80 -18.76 1.19
CA ASP B 327 29.44 -17.56 0.66
C ASP B 327 30.21 -16.78 1.73
N GLN B 328 30.10 -17.17 3.00
CA GLN B 328 30.87 -16.52 4.06
C GLN B 328 32.37 -16.54 3.77
N ASP B 329 32.86 -17.61 3.12
CA ASP B 329 34.27 -17.66 2.76
C ASP B 329 34.64 -16.59 1.75
N ASN B 330 33.70 -16.23 0.86
CA ASN B 330 33.95 -15.26 -0.19
C ASN B 330 33.44 -13.87 0.18
N CYS B 331 33.04 -13.66 1.43
CA CYS B 331 32.63 -12.35 1.90
C CYS B 331 33.86 -11.45 1.94
N THR B 332 34.01 -10.61 0.92
CA THR B 332 35.18 -9.76 0.82
C THR B 332 35.26 -8.78 1.98
N TRP B 333 34.14 -8.16 2.35
CA TRP B 333 34.16 -7.16 3.41
C TRP B 333 34.48 -7.81 4.76
N SER B 334 33.89 -8.97 5.06
CA SER B 334 34.15 -9.62 6.35
C SER B 334 35.58 -10.12 6.42
N LYS B 335 36.09 -10.69 5.33
CA LYS B 335 37.48 -11.14 5.32
C LYS B 335 38.44 -9.98 5.44
N GLU B 336 38.11 -8.83 4.83
CA GLU B 336 38.93 -7.63 5.00
C GLU B 336 38.89 -7.15 6.45
N VAL B 337 37.73 -7.25 7.10
CA VAL B 337 37.63 -6.90 8.52
C VAL B 337 38.52 -7.83 9.35
N CYS B 338 38.50 -9.13 9.04
CA CYS B 338 39.30 -10.09 9.76
C CYS B 338 40.75 -10.15 9.27
N ASP B 339 41.10 -9.36 8.25
CA ASP B 339 42.46 -9.33 7.76
C ASP B 339 43.27 -8.34 8.59
N PRO B 340 44.31 -8.79 9.31
CA PRO B 340 45.07 -7.85 10.15
C PRO B 340 45.69 -6.71 9.38
N ASP B 341 45.99 -6.90 8.10
CA ASP B 341 46.60 -5.83 7.31
C ASP B 341 45.67 -4.64 7.17
N ILE B 342 44.38 -4.88 6.95
CA ILE B 342 43.39 -3.83 6.77
C ILE B 342 42.46 -3.73 7.98
N GLY B 343 41.89 -4.86 8.41
CA GLY B 343 41.02 -4.84 9.57
C GLY B 343 41.73 -4.41 10.84
N GLY B 344 43.01 -4.77 10.95
CA GLY B 344 43.79 -4.37 12.11
C GLY B 344 44.08 -2.88 12.18
N GLN B 345 43.94 -2.17 11.06
CA GLN B 345 44.15 -0.74 11.00
C GLN B 345 42.85 0.06 11.13
N ILE B 346 41.74 -0.62 11.38
CA ILE B 346 40.46 0.06 11.53
C ILE B 346 40.42 0.75 12.89
N LEU B 347 40.16 2.05 12.90
CA LEU B 347 40.13 2.85 14.12
C LEU B 347 38.75 3.49 14.23
N MET B 348 37.82 2.79 14.88
CA MET B 348 36.46 3.27 15.02
C MET B 348 36.36 4.28 16.16
N CYS B 349 35.55 5.31 15.95
CA CYS B 349 35.37 6.33 16.96
C CYS B 349 34.58 5.78 18.15
N PRO B 350 34.79 6.33 19.34
CA PRO B 350 34.11 5.79 20.53
C PRO B 350 32.61 6.06 20.49
N GLN B 351 31.88 5.22 21.22
CA GLN B 351 30.43 5.34 21.26
C GLN B 351 29.97 6.36 22.29
N CYS B 352 30.52 6.29 23.50
CA CYS B 352 30.17 7.20 24.58
C CYS B 352 31.30 8.17 24.86
N PHE B 358 38.69 3.64 21.70
CA PHE B 358 38.54 3.62 20.25
C PHE B 358 38.66 2.16 19.80
N TRP B 359 37.57 1.42 19.95
CA TRP B 359 37.59 -0.02 19.71
C TRP B 359 37.85 -0.31 18.23
N ARG B 360 38.78 -1.22 17.96
CA ARG B 360 39.10 -1.61 16.60
C ARG B 360 38.12 -2.69 16.12
N LEU B 361 38.10 -2.87 14.80
CA LEU B 361 37.19 -3.85 14.21
C LEU B 361 37.64 -5.28 14.45
N ASN B 362 38.87 -5.48 14.92
CA ASN B 362 39.37 -6.83 15.15
C ASN B 362 38.51 -7.57 16.17
N ILE B 363 38.13 -6.89 17.26
CA ILE B 363 37.30 -7.51 18.28
C ILE B 363 35.95 -7.90 17.70
N THR B 364 35.55 -7.26 16.60
CA THR B 364 34.29 -7.58 15.93
C THR B 364 34.48 -8.43 14.68
N CYS B 365 35.70 -8.92 14.41
CA CYS B 365 35.93 -9.70 13.21
C CYS B 365 35.02 -10.93 13.16
N GLU B 366 35.00 -11.70 14.25
CA GLU B 366 34.12 -12.85 14.32
C GLU B 366 32.67 -12.44 14.15
N SER B 367 32.29 -11.28 14.71
CA SER B 367 30.94 -10.78 14.52
C SER B 367 30.66 -10.58 13.04
N SER B 368 31.60 -9.98 12.31
CA SER B 368 31.45 -9.82 10.87
C SER B 368 31.33 -11.17 10.18
N LYS B 369 32.06 -12.18 10.68
CA LYS B 369 31.97 -13.51 10.12
C LYS B 369 30.53 -14.04 10.23
N LYS B 370 29.86 -13.75 11.34
CA LYS B 370 28.47 -14.16 11.48
C LYS B 370 27.49 -13.07 11.04
N LEU B 371 28.00 -11.95 10.53
CA LEU B 371 27.16 -10.84 10.10
C LEU B 371 26.95 -10.83 8.59
N CYS B 372 27.98 -11.24 7.83
CA CYS B 372 27.82 -11.32 6.38
C CYS B 372 26.71 -12.30 5.99
N ILE B 373 26.49 -13.33 6.82
CA ILE B 373 25.38 -14.24 6.58
C ILE B 373 24.05 -13.53 6.84
N PHE B 374 24.02 -12.64 7.83
CA PHE B 374 22.78 -11.95 8.16
C PHE B 374 22.31 -11.04 7.03
N ASP B 375 23.22 -10.32 6.38
CA ASP B 375 22.86 -9.45 5.26
C ASP B 375 23.53 -9.99 3.99
N SER B 376 22.84 -10.93 3.35
CA SER B 376 23.29 -11.51 2.08
C SER B 376 22.11 -11.53 1.11
N PHE B 377 22.43 -11.63 -0.18
CA PHE B 377 21.39 -11.64 -1.20
C PHE B 377 20.43 -12.80 -1.01
N GLY B 378 20.88 -13.90 -0.40
CA GLY B 378 19.99 -14.97 -0.04
C GLY B 378 18.91 -14.52 0.94
N THR B 379 19.29 -13.63 1.87
CA THR B 379 18.31 -13.10 2.81
C THR B 379 17.27 -12.24 2.09
N LEU B 380 17.69 -11.46 1.10
CA LEU B 380 16.73 -10.68 0.32
C LEU B 380 15.79 -11.60 -0.47
N ILE B 381 16.34 -12.65 -1.07
CA ILE B 381 15.51 -13.62 -1.78
C ILE B 381 14.51 -14.26 -0.81
N PHE B 382 14.97 -14.57 0.40
CA PHE B 382 14.07 -15.16 1.39
C PHE B 382 13.02 -14.17 1.85
N ALA B 383 13.36 -12.89 1.91
CA ALA B 383 12.36 -11.88 2.26
C ALA B 383 11.27 -11.80 1.20
N VAL B 384 11.67 -11.84 -0.07
CA VAL B 384 10.67 -11.87 -1.15
C VAL B 384 9.82 -13.13 -1.04
N PHE B 385 10.46 -14.27 -0.81
CA PHE B 385 9.70 -15.51 -0.64
C PHE B 385 8.79 -15.45 0.58
N MET B 386 9.18 -14.69 1.60
CA MET B 386 8.35 -14.56 2.79
C MET B 386 7.14 -13.69 2.51
N GLY B 387 7.31 -12.65 1.71
CA GLY B 387 6.14 -11.92 1.23
C GLY B 387 5.18 -12.83 0.48
N VAL B 388 5.73 -13.67 -0.41
CA VAL B 388 4.89 -14.60 -1.18
C VAL B 388 4.21 -15.61 -0.24
N TRP B 389 4.95 -16.08 0.76
CA TRP B 389 4.42 -17.08 1.69
C TRP B 389 3.33 -16.48 2.58
N VAL B 390 3.50 -15.25 3.05
CA VAL B 390 2.46 -14.57 3.78
C VAL B 390 1.22 -14.42 2.91
N THR B 391 1.42 -14.10 1.62
CA THR B 391 0.29 -14.01 0.70
C THR B 391 -0.44 -15.35 0.60
N LEU B 392 0.31 -16.44 0.45
CA LEU B 392 -0.30 -17.75 0.30
C LEU B 392 -0.94 -18.23 1.60
N PHE B 393 -0.51 -17.66 2.74
CA PHE B 393 -1.01 -18.09 4.04
C PHE B 393 -2.51 -17.84 4.18
N LEU B 394 -2.92 -16.58 4.05
CA LEU B 394 -4.29 -16.19 4.37
C LEU B 394 -5.31 -16.78 3.41
N GLU B 395 -4.98 -16.86 2.12
CA GLU B 395 -5.92 -17.37 1.12
C GLU B 395 -6.24 -18.84 1.37
N PHE B 396 -5.20 -19.66 1.56
CA PHE B 396 -5.44 -21.06 1.87
C PHE B 396 -6.10 -21.22 3.24
N TRP B 397 -5.79 -20.34 4.19
CA TRP B 397 -6.45 -20.42 5.49
C TRP B 397 -7.95 -20.19 5.36
N LYS B 398 -8.35 -19.20 4.56
CA LYS B 398 -9.79 -18.94 4.43
C LYS B 398 -10.47 -19.98 3.55
N ARG B 399 -9.74 -20.58 2.60
CA ARG B 399 -10.27 -21.73 1.88
C ARG B 399 -10.56 -22.88 2.85
N ARG B 400 -9.60 -23.19 3.72
CA ARG B 400 -9.81 -24.22 4.74
C ARG B 400 -10.93 -23.83 5.69
N GLN B 401 -11.06 -22.54 6.00
CA GLN B 401 -12.12 -22.08 6.89
C GLN B 401 -13.49 -22.31 6.27
N ALA B 402 -13.65 -22.00 4.98
CA ALA B 402 -14.91 -22.27 4.30
C ALA B 402 -15.19 -23.77 4.23
N GLU B 403 -14.13 -24.57 3.98
CA GLU B 403 -14.30 -26.03 3.98
C GLU B 403 -14.81 -26.53 5.33
N LEU B 404 -14.23 -26.02 6.42
CA LEU B 404 -14.68 -26.42 7.76
C LEU B 404 -16.08 -25.89 8.05
N GLU B 405 -16.42 -24.71 7.53
CA GLU B 405 -17.78 -24.20 7.68
C GLU B 405 -18.78 -25.15 7.05
N TYR B 406 -18.48 -25.63 5.85
CA TYR B 406 -19.38 -26.59 5.21
C TYR B 406 -19.40 -27.92 5.95
N GLU B 407 -18.24 -28.39 6.39
CA GLU B 407 -18.14 -29.73 6.97
C GLU B 407 -18.79 -29.81 8.34
N TRP B 408 -18.52 -28.84 9.20
CA TRP B 408 -19.00 -28.85 10.58
C TRP B 408 -20.29 -28.08 10.77
N ASP B 409 -20.86 -27.51 9.70
CA ASP B 409 -22.08 -26.71 9.77
C ASP B 409 -21.92 -25.58 10.80
N THR B 410 -20.80 -24.87 10.71
CA THR B 410 -20.54 -23.76 11.63
C THR B 410 -21.55 -22.64 11.43
N VAL B 411 -22.03 -22.45 10.20
CA VAL B 411 -23.01 -21.41 9.91
C VAL B 411 -24.38 -21.84 10.42
N GLU B 412 -24.77 -21.32 11.59
CA GLU B 412 -26.05 -21.65 12.18
C GLU B 412 -26.79 -20.39 12.59
N LEU B 413 -27.88 -20.55 13.36
CA LEU B 413 -28.65 -19.42 13.83
C LEU B 413 -27.86 -18.56 14.80
N GLN B 414 -27.52 -17.33 14.38
CA GLN B 414 -26.83 -16.38 15.26
C GLN B 414 -27.88 -15.51 15.94
N GLN B 415 -28.43 -16.05 17.03
CA GLN B 415 -29.47 -15.34 17.76
C GLN B 415 -28.90 -14.12 18.46
N GLU B 416 -29.80 -13.23 18.87
CA GLU B 416 -29.38 -12.02 19.57
C GLU B 416 -28.64 -12.36 20.85
N GLU B 417 -27.49 -11.73 21.06
CA GLU B 417 -26.62 -12.06 22.17
C GLU B 417 -27.14 -11.49 23.47
N GLN B 418 -27.02 -12.27 24.55
CA GLN B 418 -27.45 -11.84 25.86
C GLN B 418 -26.49 -10.81 26.44
N ALA B 419 -27.03 -9.83 27.13
CA ALA B 419 -26.20 -8.79 27.74
C ALA B 419 -25.38 -9.38 28.89
N ARG B 420 -24.19 -8.80 29.08
CA ARG B 420 -23.32 -9.26 30.16
C ARG B 420 -23.94 -8.92 31.52
N PRO B 421 -23.74 -9.80 32.52
CA PRO B 421 -24.32 -9.53 33.84
C PRO B 421 -23.87 -8.21 34.46
N GLU B 422 -22.60 -7.86 34.30
CA GLU B 422 -22.11 -6.60 34.85
C GLU B 422 -22.66 -5.41 34.08
N TYR B 423 -22.88 -5.56 32.77
CA TYR B 423 -23.48 -4.49 31.98
C TYR B 423 -24.91 -4.20 32.44
N GLU B 424 -25.70 -5.25 32.69
CA GLU B 424 -27.07 -5.06 33.13
C GLU B 424 -27.18 -4.76 34.62
N ALA B 425 -26.12 -5.01 35.39
CA ALA B 425 -26.16 -4.68 36.82
C ALA B 425 -26.29 -3.18 37.05
N GLN B 426 -25.57 -2.38 36.26
CA GLN B 426 -25.62 -0.93 36.39
C GLN B 426 -26.21 -0.25 35.15
N CYS B 427 -26.89 -1.02 34.29
CA CYS B 427 -27.51 -0.49 33.07
C CYS B 427 -26.51 0.24 32.19
N LYS B 449 -21.45 7.37 28.88
CA LYS B 449 -20.56 6.23 28.61
C LYS B 449 -19.47 6.62 27.63
N CYS B 450 -19.75 7.65 26.81
CA CYS B 450 -18.75 8.11 25.84
C CYS B 450 -17.52 8.67 26.55
N ILE B 451 -17.72 9.40 27.64
CA ILE B 451 -16.60 9.94 28.40
C ILE B 451 -15.75 8.82 28.98
N ARG B 452 -16.41 7.77 29.46
CA ARG B 452 -15.68 6.63 30.04
C ARG B 452 -14.81 5.94 29.00
N VAL B 453 -15.31 5.81 27.77
CA VAL B 453 -14.53 5.20 26.70
C VAL B 453 -13.30 6.03 26.39
N THR B 454 -13.47 7.36 26.34
CA THR B 454 -12.33 8.25 26.10
C THR B 454 -11.30 8.15 27.23
N LEU B 455 -11.78 8.07 28.47
CA LEU B 455 -10.86 7.90 29.59
C LEU B 455 -10.11 6.57 29.51
N CYS B 456 -10.81 5.51 29.10
CA CYS B 456 -10.15 4.22 28.91
C CYS B 456 -9.08 4.29 27.83
N ALA B 457 -9.39 4.95 26.71
CA ALA B 457 -8.40 5.11 25.66
C ALA B 457 -7.20 5.92 26.14
N SER B 458 -7.47 6.97 26.92
CA SER B 458 -6.38 7.77 27.47
C SER B 458 -5.50 6.94 28.40
N ALA B 459 -6.11 6.09 29.22
CA ALA B 459 -5.33 5.22 30.10
C ALA B 459 -4.51 4.22 29.29
N VAL B 460 -5.09 3.67 28.22
CA VAL B 460 -4.36 2.72 27.38
C VAL B 460 -3.14 3.40 26.74
N PHE B 461 -3.33 4.60 26.21
CA PHE B 461 -2.20 5.33 25.63
C PHE B 461 -1.20 5.73 26.70
N PHE B 462 -1.66 6.02 27.92
CA PHE B 462 -0.74 6.32 29.00
C PHE B 462 0.14 5.13 29.34
N TRP B 463 -0.45 3.93 29.36
CA TRP B 463 0.36 2.74 29.63
C TRP B 463 1.25 2.39 28.44
N ILE B 464 0.83 2.75 27.23
CA ILE B 464 1.71 2.62 26.07
C ILE B 464 2.94 3.52 26.25
N LEU B 465 2.71 4.75 26.70
CA LEU B 465 3.83 5.62 27.03
C LEU B 465 4.67 5.06 28.17
N LEU B 466 4.03 4.33 29.10
CA LEU B 466 4.75 3.73 30.21
C LEU B 466 5.72 2.66 29.73
N ILE B 467 5.25 1.75 28.87
CA ILE B 467 6.13 0.71 28.34
C ILE B 467 7.19 1.33 27.44
N ILE B 468 6.83 2.39 26.70
CA ILE B 468 7.83 3.11 25.92
C ILE B 468 8.92 3.68 26.82
N ALA B 469 8.52 4.23 27.96
CA ALA B 469 9.49 4.75 28.93
C ALA B 469 10.35 3.63 29.49
N SER B 470 9.76 2.45 29.69
CA SER B 470 10.54 1.30 30.14
C SER B 470 11.59 0.91 29.10
N VAL B 471 11.21 0.94 27.82
CA VAL B 471 12.16 0.64 26.76
C VAL B 471 13.26 1.70 26.71
N ILE B 472 12.89 2.96 26.95
CA ILE B 472 13.90 4.01 27.07
C ILE B 472 14.84 3.72 28.23
N GLY B 473 14.29 3.19 29.33
CA GLY B 473 15.15 2.73 30.41
C GLY B 473 16.10 1.63 29.99
N ILE B 474 15.63 0.74 29.11
CA ILE B 474 16.51 -0.26 28.52
C ILE B 474 17.62 0.42 27.72
N ILE B 475 17.29 1.51 27.02
CA ILE B 475 18.30 2.28 26.34
C ILE B 475 19.29 2.88 27.33
N VAL B 476 18.77 3.40 28.45
CA VAL B 476 19.65 3.93 29.49
C VAL B 476 20.48 2.82 30.12
N TYR B 477 19.90 1.63 30.25
CA TYR B 477 20.63 0.50 30.81
C TYR B 477 21.84 0.16 29.94
N ARG B 478 21.65 0.11 28.62
CA ARG B 478 22.76 -0.19 27.72
C ARG B 478 23.85 0.87 27.81
N LEU B 479 23.46 2.14 27.89
CA LEU B 479 24.44 3.21 28.06
C LEU B 479 25.17 3.07 29.38
N SER B 480 24.46 2.72 30.45
CA SER B 480 25.06 2.61 31.77
C SER B 480 25.90 1.35 31.93
N VAL B 481 25.52 0.25 31.28
CA VAL B 481 26.20 -1.02 31.48
C VAL B 481 27.29 -1.29 30.44
N PHE B 482 27.33 -0.53 29.35
CA PHE B 482 28.40 -0.73 28.37
C PHE B 482 29.75 -0.29 28.92
N ILE B 483 29.76 0.75 29.75
CA ILE B 483 31.02 1.25 30.29
C ILE B 483 31.66 0.22 31.20
N VAL B 484 30.88 -0.35 32.11
CA VAL B 484 31.43 -1.36 33.02
C VAL B 484 31.81 -2.63 32.26
N PHE B 485 31.02 -2.98 31.24
CA PHE B 485 31.39 -4.12 30.41
C PHE B 485 32.67 -3.86 29.64
N SER B 486 32.87 -2.62 29.17
CA SER B 486 34.09 -2.28 28.46
C SER B 486 35.32 -2.42 29.37
N THR B 487 35.20 -2.00 30.61
CA THR B 487 36.31 -2.11 31.56
C THR B 487 36.49 -3.55 32.04
N THR B 504 34.06 -8.98 22.37
CA THR B 504 33.74 -7.57 22.51
C THR B 504 32.66 -7.37 23.58
N PRO B 505 32.80 -6.31 24.38
CA PRO B 505 31.80 -6.05 25.43
C PRO B 505 30.41 -5.79 24.90
N GLN B 506 30.29 -5.24 23.68
CA GLN B 506 28.97 -4.93 23.14
C GLN B 506 28.12 -6.17 22.92
N MET B 507 28.75 -7.30 22.59
CA MET B 507 27.99 -8.53 22.37
C MET B 507 27.32 -9.00 23.66
N ALA B 508 28.09 -9.09 24.75
CA ALA B 508 27.51 -9.47 26.03
C ALA B 508 26.51 -8.44 26.52
N THR B 509 26.80 -7.16 26.28
CA THR B 509 25.86 -6.10 26.65
C THR B 509 24.52 -6.27 25.93
N SER B 510 24.57 -6.56 24.62
CA SER B 510 23.35 -6.74 23.86
C SER B 510 22.58 -7.98 24.31
N ILE B 511 23.29 -9.08 24.60
CA ILE B 511 22.62 -10.29 25.05
C ILE B 511 21.93 -10.07 26.39
N THR B 512 22.65 -9.43 27.33
CA THR B 512 22.06 -9.13 28.63
C THR B 512 20.88 -8.18 28.50
N ALA B 513 21.00 -7.17 27.63
CA ALA B 513 19.89 -6.25 27.42
C ALA B 513 18.68 -6.96 26.84
N SER B 514 18.90 -7.89 25.91
CA SER B 514 17.79 -8.66 25.35
C SER B 514 17.12 -9.52 26.41
N ILE B 515 17.92 -10.17 27.27
CA ILE B 515 17.37 -10.98 28.34
C ILE B 515 16.53 -10.11 29.29
N ILE B 516 17.07 -8.95 29.66
CA ILE B 516 16.36 -8.07 30.58
C ILE B 516 15.06 -7.57 29.95
N SER B 517 15.10 -7.21 28.66
CA SER B 517 13.90 -6.75 27.99
C SER B 517 12.85 -7.84 27.94
N ALA B 518 13.26 -9.07 27.64
CA ALA B 518 12.30 -10.18 27.61
C ALA B 518 11.68 -10.40 28.99
N ILE B 519 12.50 -10.36 30.03
CA ILE B 519 11.99 -10.55 31.40
C ILE B 519 11.01 -9.44 31.75
N ILE B 520 11.33 -8.20 31.38
CA ILE B 520 10.44 -7.07 31.66
C ILE B 520 9.13 -7.23 30.90
N ILE B 521 9.19 -7.67 29.65
CA ILE B 521 7.96 -7.91 28.89
C ILE B 521 7.10 -8.96 29.57
N MET B 522 7.73 -10.06 30.00
CA MET B 522 6.97 -11.12 30.66
C MET B 522 6.35 -10.63 31.97
N ILE B 523 7.09 -9.82 32.73
CA ILE B 523 6.57 -9.30 33.99
C ILE B 523 5.39 -8.37 33.73
N LEU B 524 5.53 -7.46 32.77
CA LEU B 524 4.48 -6.48 32.52
C LEU B 524 3.28 -7.09 31.82
N ASN B 525 3.43 -8.26 31.20
CA ASN B 525 2.30 -8.88 30.50
C ASN B 525 1.15 -9.18 31.47
N THR B 526 1.46 -9.84 32.59
CA THR B 526 0.41 -10.18 33.55
C THR B 526 -0.18 -8.94 34.19
N ILE B 527 0.65 -7.94 34.48
CA ILE B 527 0.17 -6.69 35.05
C ILE B 527 -0.84 -6.04 34.13
N TYR B 528 -0.50 -5.97 32.83
CA TYR B 528 -1.45 -5.37 31.89
C TYR B 528 -2.68 -6.25 31.71
N GLU B 529 -2.53 -7.57 31.76
CA GLU B 529 -3.71 -8.44 31.71
C GLU B 529 -4.68 -8.08 32.81
N LYS B 530 -4.18 -7.99 34.04
CA LYS B 530 -5.05 -7.66 35.18
C LYS B 530 -5.68 -6.28 35.03
N VAL B 531 -4.85 -5.27 34.71
CA VAL B 531 -5.38 -3.91 34.66
C VAL B 531 -6.35 -3.75 33.48
N ALA B 532 -6.10 -4.44 32.36
CA ALA B 532 -7.00 -4.37 31.22
C ALA B 532 -8.32 -5.07 31.50
N ILE B 533 -8.27 -6.21 32.21
CA ILE B 533 -9.51 -6.85 32.63
C ILE B 533 -10.31 -5.91 33.52
N MET B 534 -9.64 -5.27 34.48
CA MET B 534 -10.33 -4.35 35.37
C MET B 534 -10.92 -3.17 34.61
N ILE B 535 -10.17 -2.61 33.66
CA ILE B 535 -10.65 -1.45 32.91
C ILE B 535 -11.82 -1.84 32.02
N THR B 536 -11.73 -2.99 31.36
CA THR B 536 -12.82 -3.43 30.49
C THR B 536 -14.07 -3.76 31.30
N ASN B 537 -13.91 -4.24 32.53
CA ASN B 537 -15.07 -4.37 33.41
C ASN B 537 -15.60 -3.01 33.82
N PHE B 538 -14.71 -2.02 33.99
CA PHE B 538 -15.14 -0.67 34.34
C PHE B 538 -16.00 -0.06 33.24
N GLU B 539 -15.60 -0.25 31.98
CA GLU B 539 -16.42 0.20 30.87
C GLU B 539 -17.56 -0.79 30.64
N LEU B 540 -18.57 -0.34 29.88
CA LEU B 540 -19.79 -1.11 29.73
C LEU B 540 -19.98 -1.56 28.29
N PRO B 541 -19.62 -2.81 27.95
CA PRO B 541 -20.01 -3.36 26.65
C PRO B 541 -21.41 -3.99 26.72
N ARG B 542 -22.27 -3.67 25.76
CA ARG B 542 -23.65 -4.15 25.82
C ARG B 542 -23.76 -5.65 25.62
N THR B 543 -22.76 -6.28 24.99
CA THR B 543 -22.77 -7.71 24.75
C THR B 543 -21.39 -8.28 25.07
N GLN B 544 -21.33 -9.60 25.21
CA GLN B 544 -20.06 -10.26 25.47
C GLN B 544 -19.12 -10.14 24.27
N THR B 545 -19.67 -10.13 23.05
CA THR B 545 -18.83 -9.98 21.87
C THR B 545 -18.15 -8.62 21.83
N ASP B 546 -18.84 -7.56 22.24
CA ASP B 546 -18.20 -6.25 22.32
C ASP B 546 -17.08 -6.25 23.35
N TYR B 547 -17.29 -6.91 24.48
CA TYR B 547 -16.23 -7.05 25.48
C TYR B 547 -15.03 -7.77 24.88
N GLU B 548 -15.29 -8.87 24.15
CA GLU B 548 -14.21 -9.62 23.53
C GLU B 548 -13.44 -8.78 22.53
N ASN B 549 -14.15 -8.01 21.71
CA ASN B 549 -13.50 -7.18 20.70
C ASN B 549 -12.67 -6.08 21.34
N SER B 550 -13.21 -5.39 22.34
CA SER B 550 -12.46 -4.34 23.00
C SER B 550 -11.22 -4.90 23.70
N LEU B 551 -11.38 -6.01 24.41
CA LEU B 551 -10.24 -6.63 25.07
C LEU B 551 -9.20 -7.10 24.06
N THR B 552 -9.66 -7.66 22.93
CA THR B 552 -8.73 -8.08 21.88
C THR B 552 -7.93 -6.90 21.37
N MET B 553 -8.60 -5.78 21.08
CA MET B 553 -7.91 -4.61 20.57
C MET B 553 -6.88 -4.10 21.57
N LYS B 554 -7.29 -3.93 22.83
CA LYS B 554 -6.39 -3.37 23.84
C LYS B 554 -5.21 -4.30 24.09
N MET B 555 -5.48 -5.60 24.28
CA MET B 555 -4.42 -6.55 24.55
C MET B 555 -3.47 -6.67 23.37
N PHE B 556 -4.00 -6.71 22.15
CA PHE B 556 -3.14 -6.79 20.98
C PHE B 556 -2.26 -5.55 20.86
N LEU B 557 -2.83 -4.36 21.08
CA LEU B 557 -2.02 -3.15 21.01
C LEU B 557 -0.90 -3.18 22.04
N PHE B 558 -1.24 -3.52 23.29
CA PHE B 558 -0.21 -3.51 24.34
C PHE B 558 0.86 -4.55 24.08
N GLN B 559 0.46 -5.77 23.70
CA GLN B 559 1.46 -6.83 23.47
C GLN B 559 2.31 -6.52 22.26
N PHE B 560 1.71 -5.98 21.20
CA PHE B 560 2.48 -5.51 20.06
C PHE B 560 3.54 -4.51 20.50
N VAL B 561 3.13 -3.49 21.27
CA VAL B 561 4.08 -2.47 21.70
C VAL B 561 5.18 -3.10 22.54
N ASN B 562 4.81 -3.89 23.55
CA ASN B 562 5.79 -4.48 24.45
C ASN B 562 6.78 -5.36 23.72
N TYR B 563 6.29 -6.31 22.92
CA TYR B 563 7.19 -7.26 22.28
C TYR B 563 8.03 -6.59 21.21
N TYR B 564 7.47 -5.67 20.43
CA TYR B 564 8.16 -5.16 19.26
C TYR B 564 8.79 -3.78 19.47
N SER B 565 8.71 -3.22 20.68
CA SER B 565 9.33 -1.91 20.91
C SER B 565 10.85 -1.98 20.80
N SER B 566 11.46 -2.96 21.47
CA SER B 566 12.91 -3.14 21.36
C SER B 566 13.30 -3.49 19.93
N CYS B 567 12.53 -4.35 19.27
CA CYS B 567 12.84 -4.73 17.90
C CYS B 567 12.79 -3.53 16.96
N PHE B 568 11.76 -2.70 17.09
CA PHE B 568 11.65 -1.51 16.26
C PHE B 568 12.74 -0.50 16.59
N TYR B 569 13.11 -0.39 17.87
CA TYR B 569 14.20 0.51 18.25
C TYR B 569 15.51 0.08 17.61
N ILE B 570 15.79 -1.22 17.62
CA ILE B 570 17.04 -1.71 17.03
C ILE B 570 16.99 -1.59 15.52
N ALA B 571 15.84 -1.87 14.92
CA ALA B 571 15.75 -1.88 13.46
C ALA B 571 15.75 -0.47 12.87
N PHE B 572 15.02 0.45 13.50
CA PHE B 572 14.75 1.76 12.89
C PHE B 572 15.14 2.96 13.74
N PHE B 573 15.56 2.77 14.99
CA PHE B 573 15.91 3.88 15.86
C PHE B 573 17.35 3.85 16.34
N LYS B 574 17.88 2.67 16.66
CA LYS B 574 19.22 2.58 17.26
C LYS B 574 20.28 2.83 16.20
N GLY B 575 21.08 3.88 16.40
CA GLY B 575 22.16 4.21 15.51
C GLY B 575 21.77 5.01 14.28
N LYS B 576 20.48 5.29 14.10
CA LYS B 576 20.05 6.03 12.92
C LYS B 576 20.39 7.51 13.04
N PHE B 577 20.20 8.08 14.22
CA PHE B 577 20.43 9.51 14.46
C PHE B 577 21.58 9.65 15.45
N VAL B 578 22.81 9.63 14.95
CA VAL B 578 23.99 9.87 15.76
C VAL B 578 24.83 11.03 15.26
N GLY B 579 24.61 11.48 14.02
CA GLY B 579 25.37 12.60 13.51
C GLY B 579 26.84 12.25 13.34
N TYR B 580 27.70 13.17 13.77
CA TYR B 580 29.14 13.00 13.67
C TYR B 580 29.75 13.35 15.03
N PRO B 581 31.00 12.94 15.31
CA PRO B 581 31.56 13.19 16.64
C PRO B 581 31.52 14.66 17.06
N GLY B 582 31.69 15.57 16.11
CA GLY B 582 31.47 16.98 16.40
C GLY B 582 29.98 17.26 16.55
N ASP B 583 29.63 17.98 17.61
CA ASP B 583 28.24 18.30 17.93
C ASP B 583 27.33 17.06 17.86
N PRO B 584 27.59 16.04 18.67
CA PRO B 584 26.77 14.83 18.62
C PRO B 584 25.37 15.09 19.15
N VAL B 585 24.43 14.24 18.71
CA VAL B 585 23.05 14.38 19.14
C VAL B 585 22.94 14.04 20.62
N TYR B 586 22.25 14.92 21.36
CA TYR B 586 22.01 14.73 22.78
C TYR B 586 20.52 14.80 23.05
N LEU B 587 20.08 14.07 24.07
CA LEU B 587 18.67 14.01 24.42
C LEU B 587 18.41 14.70 25.76
N TYR B 591 20.17 11.11 26.76
CA TYR B 591 21.42 11.76 26.40
C TYR B 591 22.36 10.77 25.71
N ARG B 592 23.04 11.23 24.66
CA ARG B 592 24.03 10.44 23.93
C ARG B 592 23.41 9.13 23.42
N SER B 593 22.51 9.30 22.46
CA SER B 593 21.80 8.17 21.86
C SER B 593 22.75 7.08 21.39
N GLU B 594 22.30 5.84 21.41
CA GLU B 594 23.17 4.71 21.13
C GLU B 594 23.62 4.70 19.67
N GLU B 595 24.85 4.24 19.46
CA GLU B 595 25.44 4.05 18.15
C GLU B 595 25.39 2.57 17.79
N CYS B 596 26.03 2.20 16.68
CA CYS B 596 26.05 0.80 16.27
C CYS B 596 27.31 0.51 15.46
N ASP B 597 27.51 -0.77 15.17
CA ASP B 597 28.67 -1.27 14.45
C ASP B 597 28.60 -0.91 12.97
N PRO B 598 29.75 -0.93 12.28
CA PRO B 598 29.73 -0.57 10.84
C PRO B 598 28.82 -1.43 10.00
N GLY B 599 28.67 -2.71 10.34
CA GLY B 599 27.82 -3.60 9.57
C GLY B 599 26.36 -3.48 9.91
N GLY B 600 26.02 -2.46 10.71
CA GLY B 600 24.66 -2.25 11.13
C GLY B 600 24.29 -3.10 12.33
N CYS B 601 23.15 -2.77 12.93
CA CYS B 601 22.64 -3.47 14.09
C CYS B 601 21.72 -4.63 13.69
N LEU B 602 21.89 -5.17 12.49
CA LEU B 602 21.15 -6.36 12.11
C LEU B 602 21.57 -7.57 12.94
N LEU B 603 22.86 -7.65 13.31
CA LEU B 603 23.32 -8.71 14.20
C LEU B 603 22.65 -8.59 15.58
N GLU B 604 22.59 -7.37 16.12
CA GLU B 604 21.94 -7.17 17.41
C GLU B 604 20.46 -7.47 17.33
N LEU B 605 19.79 -7.06 16.25
CA LEU B 605 18.38 -7.36 16.08
C LEU B 605 18.15 -8.87 15.96
N THR B 606 19.01 -9.57 15.23
CA THR B 606 18.89 -11.01 15.12
C THR B 606 19.07 -11.69 16.48
N THR B 607 20.06 -11.24 17.26
CA THR B 607 20.27 -11.80 18.58
C THR B 607 19.06 -11.55 19.47
N GLN B 608 18.53 -10.32 19.44
CA GLN B 608 17.37 -9.99 20.25
C GLN B 608 16.17 -10.84 19.87
N LEU B 609 15.90 -10.97 18.57
CA LEU B 609 14.75 -11.76 18.12
C LEU B 609 14.91 -13.22 18.49
N THR B 610 16.11 -13.78 18.27
CA THR B 610 16.33 -15.19 18.62
C THR B 610 16.17 -15.41 20.12
N ILE B 611 16.72 -14.52 20.94
CA ILE B 611 16.60 -14.65 22.39
C ILE B 611 15.14 -14.57 22.80
N ILE B 612 14.41 -13.57 22.29
CA ILE B 612 13.01 -13.39 22.67
C ILE B 612 12.19 -14.61 22.27
N MET B 613 12.36 -15.08 21.03
CA MET B 613 11.53 -16.19 20.56
C MET B 613 11.87 -17.50 21.28
N GLY B 614 13.16 -17.79 21.45
CA GLY B 614 13.54 -19.02 22.14
C GLY B 614 13.14 -19.01 23.60
N GLY B 615 13.38 -17.90 24.30
CA GLY B 615 12.95 -17.78 25.67
C GLY B 615 11.44 -17.87 25.82
N LYS B 616 10.71 -17.19 24.92
CA LYS B 616 9.26 -17.31 24.93
C LYS B 616 8.84 -18.76 24.78
N ALA B 617 9.36 -19.45 23.76
CA ALA B 617 9.02 -20.86 23.55
C ALA B 617 9.27 -21.66 24.82
N ILE B 618 10.53 -21.74 25.25
CA ILE B 618 10.92 -22.61 26.36
C ILE B 618 10.16 -22.22 27.62
N TRP B 619 10.38 -21.00 28.11
CA TRP B 619 9.86 -20.59 29.40
C TRP B 619 8.33 -20.54 29.41
N ASN B 620 7.73 -19.97 28.35
CA ASN B 620 6.28 -19.86 28.31
C ASN B 620 5.62 -21.23 28.22
N ASN B 621 6.20 -22.16 27.45
CA ASN B 621 5.62 -23.50 27.40
C ASN B 621 5.78 -24.21 28.73
N ILE B 622 6.91 -24.05 29.40
CA ILE B 622 7.08 -24.63 30.73
C ILE B 622 6.06 -24.04 31.70
N ALA B 623 5.82 -22.73 31.62
CA ALA B 623 4.84 -22.08 32.47
C ALA B 623 3.42 -22.59 32.16
N GLU B 624 3.09 -22.75 30.89
CA GLU B 624 1.78 -23.27 30.52
C GLU B 624 1.61 -24.71 31.02
N VAL B 625 2.70 -25.47 31.08
CA VAL B 625 2.65 -26.80 31.66
C VAL B 625 2.44 -26.73 33.17
N LEU B 626 3.16 -25.83 33.84
CA LEU B 626 3.27 -25.92 35.29
C LEU B 626 2.19 -25.13 36.01
N LEU B 627 1.95 -23.89 35.62
CA LEU B 627 1.03 -23.02 36.36
C LEU B 627 -0.35 -23.63 36.54
N PRO B 628 -1.01 -24.19 35.51
CA PRO B 628 -2.22 -24.97 35.79
C PRO B 628 -1.94 -26.17 36.68
N TRP B 629 -0.84 -26.87 36.44
CA TRP B 629 -0.47 -28.00 37.28
C TRP B 629 -0.12 -27.54 38.69
N VAL B 630 0.53 -26.39 38.83
CA VAL B 630 0.85 -25.86 40.16
C VAL B 630 -0.43 -25.51 40.91
N MET B 631 -1.39 -24.89 40.22
CA MET B 631 -2.67 -24.60 40.86
C MET B 631 -3.42 -25.86 41.24
N ASN B 632 -3.38 -26.89 40.39
CA ASN B 632 -3.98 -28.16 40.76
C ASN B 632 -3.31 -28.77 41.97
N LEU B 633 -1.98 -28.70 42.04
CA LEU B 633 -1.25 -29.23 43.19
C LEU B 633 -1.61 -28.48 44.46
N ILE B 634 -1.70 -27.14 44.39
CA ILE B 634 -2.02 -26.37 45.57
C ILE B 634 -3.47 -26.59 46.00
N GLY B 635 -4.36 -26.85 45.04
CA GLY B 635 -5.72 -27.22 45.39
C GLY B 635 -5.80 -28.59 46.06
N ARG B 636 -5.00 -29.54 45.57
CA ARG B 636 -5.00 -30.87 46.18
C ARG B 636 -4.38 -30.83 47.58
N TYR B 637 -3.38 -29.97 47.78
CA TYR B 637 -2.80 -29.81 49.11
C TYR B 637 -3.81 -29.25 50.11
N LYS B 638 -4.81 -28.50 49.63
CA LYS B 638 -5.83 -27.97 50.54
C LYS B 638 -6.63 -29.10 51.19
N ARG B 639 -6.96 -30.12 50.41
CA ARG B 639 -7.73 -31.28 50.89
C ARG B 639 -9.06 -30.85 51.51
N LYS B 645 -9.71 -42.40 49.31
CA LYS B 645 -9.09 -41.68 48.20
C LYS B 645 -9.92 -41.81 46.93
N ILE B 646 -10.99 -42.61 46.99
CA ILE B 646 -11.87 -42.78 45.85
C ILE B 646 -12.70 -41.51 45.69
N THR B 647 -12.67 -40.93 44.49
CA THR B 647 -13.36 -39.68 44.23
C THR B 647 -14.16 -39.78 42.94
N PRO B 648 -15.32 -39.12 42.88
CA PRO B 648 -16.16 -39.20 41.67
C PRO B 648 -15.71 -38.24 40.59
N ARG B 649 -16.39 -38.28 39.44
CA ARG B 649 -15.97 -37.45 38.30
C ARG B 649 -16.09 -35.96 38.61
N TRP B 650 -17.20 -35.55 39.23
CA TRP B 650 -17.39 -34.13 39.49
C TRP B 650 -16.36 -33.60 40.48
N GLU B 651 -16.04 -34.38 41.52
CA GLU B 651 -14.99 -33.95 42.44
C GLU B 651 -13.62 -33.95 41.77
N GLN B 652 -13.37 -34.92 40.89
CA GLN B 652 -12.09 -34.99 40.18
C GLN B 652 -11.90 -33.83 39.22
N ASP B 653 -12.98 -33.30 38.64
CA ASP B 653 -12.87 -32.23 37.65
C ASP B 653 -13.06 -30.84 38.23
N TYR B 654 -13.83 -30.70 39.31
CA TYR B 654 -14.00 -29.40 39.94
C TYR B 654 -12.70 -28.93 40.59
N HIS B 655 -11.86 -29.84 41.07
CA HIS B 655 -10.57 -29.45 41.61
C HIS B 655 -9.58 -29.23 40.48
N LEU B 656 -10.00 -28.45 39.49
CA LEU B 656 -9.18 -28.02 38.37
C LEU B 656 -9.54 -26.58 38.04
N GLN B 657 -8.59 -25.84 37.51
CA GLN B 657 -8.81 -24.44 37.22
C GLN B 657 -9.85 -24.29 36.11
N PRO B 658 -10.89 -23.48 36.31
CA PRO B 658 -11.83 -23.22 35.21
C PRO B 658 -11.16 -22.43 34.10
N MET B 659 -11.58 -22.70 32.86
CA MET B 659 -10.98 -22.04 31.71
C MET B 659 -11.32 -20.55 31.68
N GLY B 660 -12.59 -20.22 31.93
CA GLY B 660 -13.03 -18.84 31.87
C GLY B 660 -13.73 -18.55 30.55
N LYS B 661 -14.42 -17.41 30.52
CA LYS B 661 -15.15 -17.01 29.33
C LYS B 661 -14.23 -16.64 28.18
N LEU B 662 -12.98 -16.26 28.46
CA LEU B 662 -12.05 -15.92 27.39
C LEU B 662 -11.53 -17.16 26.68
N GLY B 663 -10.88 -18.04 27.43
CA GLY B 663 -10.42 -19.31 26.89
C GLY B 663 -9.17 -19.22 26.05
N LEU B 664 -9.30 -19.50 24.75
CA LEU B 664 -8.17 -19.55 23.83
C LEU B 664 -7.69 -18.16 23.39
N PHE B 665 -8.19 -17.10 24.03
CA PHE B 665 -7.78 -15.75 23.67
C PHE B 665 -6.29 -15.55 23.85
N TYR B 666 -5.74 -16.04 24.96
CA TYR B 666 -4.32 -15.85 25.24
C TYR B 666 -3.44 -16.67 24.31
N GLU B 667 -3.85 -17.89 23.99
CA GLU B 667 -3.09 -18.70 23.03
C GLU B 667 -3.12 -18.07 21.64
N TYR B 668 -4.28 -17.56 21.24
CA TYR B 668 -4.36 -16.83 19.97
C TYR B 668 -3.44 -15.61 19.99
N LEU B 669 -3.42 -14.87 21.10
CA LEU B 669 -2.54 -13.71 21.20
C LEU B 669 -1.07 -14.11 21.10
N GLU B 670 -0.70 -15.21 21.75
CA GLU B 670 0.68 -15.69 21.68
C GLU B 670 1.04 -16.06 20.24
N MET B 671 0.13 -16.75 19.54
CA MET B 671 0.42 -17.13 18.17
C MET B 671 0.48 -15.92 17.25
N ILE B 672 -0.35 -14.90 17.50
CA ILE B 672 -0.29 -13.69 16.70
C ILE B 672 1.03 -12.95 16.92
N ILE B 673 1.50 -12.92 18.18
CA ILE B 673 2.80 -12.31 18.45
C ILE B 673 3.91 -13.09 17.76
N GLN B 674 3.82 -14.43 17.76
CA GLN B 674 4.80 -15.23 17.05
C GLN B 674 4.76 -14.96 15.55
N PHE B 675 3.56 -14.82 14.98
CA PHE B 675 3.45 -14.48 13.56
C PHE B 675 4.06 -13.13 13.26
N GLY B 676 3.84 -12.15 14.14
CA GLY B 676 4.48 -10.86 13.97
C GLY B 676 5.99 -10.94 14.02
N PHE B 677 6.52 -11.72 14.97
CA PHE B 677 7.97 -11.90 15.05
C PHE B 677 8.51 -12.56 13.78
N VAL B 678 7.79 -13.57 13.27
CA VAL B 678 8.26 -14.29 12.09
C VAL B 678 8.23 -13.41 10.85
N THR B 679 7.14 -12.67 10.65
CA THR B 679 6.92 -11.95 9.39
C THR B 679 7.46 -10.53 9.41
N LEU B 680 7.16 -9.76 10.44
CA LEU B 680 7.56 -8.35 10.48
C LEU B 680 9.08 -8.22 10.44
N PHE B 681 9.81 -9.17 11.02
CA PHE B 681 11.25 -9.05 11.19
C PHE B 681 12.01 -10.19 10.49
N VAL B 682 11.48 -10.70 9.39
CA VAL B 682 12.12 -11.84 8.72
C VAL B 682 13.34 -11.45 7.91
N ALA B 683 13.54 -10.14 7.66
CA ALA B 683 14.71 -9.71 6.92
C ALA B 683 15.99 -9.79 7.72
N SER B 684 15.91 -10.07 9.02
CA SER B 684 17.11 -10.12 9.87
C SER B 684 17.82 -11.46 9.71
N PHE B 685 17.14 -12.56 10.05
CA PHE B 685 17.73 -13.89 9.94
C PHE B 685 16.69 -14.86 9.41
N PRO B 686 17.04 -15.68 8.40
CA PRO B 686 16.06 -16.62 7.83
C PRO B 686 15.73 -17.79 8.74
N LEU B 687 16.42 -17.96 9.86
CA LEU B 687 16.22 -19.12 10.72
C LEU B 687 15.09 -18.94 11.73
N ALA B 688 14.42 -17.79 11.73
CA ALA B 688 13.28 -17.60 12.63
C ALA B 688 12.17 -18.62 12.39
N PRO B 689 11.73 -18.89 11.15
CA PRO B 689 10.65 -19.88 10.98
C PRO B 689 10.99 -21.26 11.53
N LEU B 690 12.24 -21.71 11.43
CA LEU B 690 12.60 -23.04 11.91
C LEU B 690 12.23 -23.21 13.39
N LEU B 691 12.85 -22.39 14.24
CA LEU B 691 12.51 -22.44 15.66
C LEU B 691 11.02 -22.20 15.86
N ALA B 692 10.42 -21.30 15.06
CA ALA B 692 8.99 -21.05 15.22
C ALA B 692 8.19 -22.31 14.97
N LEU B 693 8.56 -23.07 13.94
CA LEU B 693 7.93 -24.34 13.67
C LEU B 693 8.02 -25.25 14.89
N VAL B 694 9.22 -25.34 15.47
CA VAL B 694 9.41 -26.15 16.66
C VAL B 694 8.44 -25.69 17.75
N ASN B 695 8.37 -24.37 17.94
CA ASN B 695 7.49 -23.78 18.94
C ASN B 695 6.08 -24.29 18.72
N ASN B 696 5.60 -24.15 17.48
CA ASN B 696 4.22 -24.53 17.17
C ASN B 696 3.99 -25.98 17.50
N ILE B 697 4.94 -26.84 17.14
CA ILE B 697 4.82 -28.27 17.46
C ILE B 697 4.56 -28.42 18.95
N LEU B 698 5.48 -27.92 19.76
CA LEU B 698 5.32 -28.03 21.21
C LEU B 698 4.00 -27.43 21.65
N GLU B 699 3.64 -26.30 21.06
CA GLU B 699 2.45 -25.57 21.47
C GLU B 699 1.23 -26.46 21.35
N ILE B 700 1.10 -27.16 20.21
CA ILE B 700 -0.08 -27.99 20.00
C ILE B 700 -0.25 -28.96 21.15
N ARG B 701 0.84 -29.63 21.55
CA ARG B 701 0.72 -30.58 22.65
C ARG B 701 0.42 -29.87 23.96
N VAL B 702 1.17 -28.81 24.30
CA VAL B 702 1.04 -28.26 25.64
C VAL B 702 -0.35 -27.67 25.84
N ASP B 703 -0.81 -26.89 24.85
CA ASP B 703 -2.18 -26.39 24.89
C ASP B 703 -3.17 -27.53 25.06
N ALA B 704 -3.02 -28.59 24.25
CA ALA B 704 -3.95 -29.71 24.36
C ALA B 704 -3.92 -30.29 25.76
N TRP B 705 -2.72 -30.44 26.33
CA TRP B 705 -2.60 -30.97 27.67
C TRP B 705 -3.36 -30.08 28.65
N LYS B 706 -3.15 -28.76 28.55
CA LYS B 706 -3.83 -27.85 29.47
C LYS B 706 -5.33 -27.90 29.28
N LEU B 707 -5.80 -28.26 28.08
CA LEU B 707 -7.23 -28.34 27.85
C LEU B 707 -7.82 -29.69 28.21
N THR B 708 -6.98 -30.70 28.47
CA THR B 708 -7.48 -32.03 28.76
C THR B 708 -7.27 -32.46 30.20
N THR B 709 -6.05 -32.34 30.72
CA THR B 709 -5.71 -32.84 32.04
C THR B 709 -5.72 -31.73 33.09
N GLN B 710 -5.07 -30.60 32.79
CA GLN B 710 -4.85 -29.58 33.81
C GLN B 710 -6.12 -28.77 34.07
N PHE B 711 -6.63 -28.08 33.06
CA PHE B 711 -7.85 -27.31 33.23
C PHE B 711 -9.05 -28.25 33.18
N ARG B 712 -10.23 -27.67 33.40
CA ARG B 712 -11.48 -28.40 33.25
C ARG B 712 -11.84 -28.50 31.76
N ARG B 713 -13.03 -29.03 31.49
CA ARG B 713 -13.53 -29.02 30.13
C ARG B 713 -14.15 -27.67 29.81
N MET B 714 -13.86 -27.15 28.62
CA MET B 714 -14.38 -25.86 28.21
C MET B 714 -15.76 -26.02 27.58
N VAL B 715 -16.63 -25.06 27.87
CA VAL B 715 -17.98 -25.10 27.30
C VAL B 715 -17.87 -24.96 25.78
N PRO B 716 -18.55 -25.81 25.01
CA PRO B 716 -18.47 -25.67 23.55
C PRO B 716 -18.99 -24.33 23.08
N GLU B 717 -18.32 -23.76 22.07
CA GLU B 717 -18.72 -22.50 21.46
C GLU B 717 -18.67 -22.64 19.95
N LYS B 718 -19.55 -21.89 19.28
CA LYS B 718 -19.61 -21.88 17.82
C LYS B 718 -18.73 -20.75 17.30
N ALA B 719 -17.79 -21.10 16.42
CA ALA B 719 -16.86 -20.11 15.88
C ALA B 719 -16.51 -20.53 14.44
N GLN B 720 -17.17 -19.88 13.47
CA GLN B 720 -16.87 -20.18 12.07
C GLN B 720 -15.49 -19.67 11.67
N ASP B 721 -14.98 -18.68 12.39
CA ASP B 721 -13.66 -18.10 12.11
C ASP B 721 -12.93 -17.84 13.41
N ILE B 722 -11.63 -17.55 13.30
CA ILE B 722 -10.83 -17.23 14.47
C ILE B 722 -11.23 -15.90 15.10
N GLY B 723 -12.01 -15.08 14.38
CA GLY B 723 -12.49 -13.82 14.93
C GLY B 723 -11.64 -12.62 14.58
N ALA B 724 -11.60 -11.65 15.49
CA ALA B 724 -10.92 -10.38 15.21
C ALA B 724 -9.43 -10.56 14.98
N TRP B 725 -8.88 -11.72 15.35
CA TRP B 725 -7.47 -11.97 15.08
C TRP B 725 -7.18 -12.03 13.59
N GLN B 726 -8.12 -12.52 12.77
CA GLN B 726 -7.86 -12.60 11.34
C GLN B 726 -7.69 -11.24 10.67
N PRO B 727 -8.60 -10.26 10.85
CA PRO B 727 -8.30 -8.93 10.30
C PRO B 727 -7.02 -8.34 10.84
N ILE B 728 -6.75 -8.57 12.13
CA ILE B 728 -5.51 -8.09 12.73
C ILE B 728 -4.31 -8.64 11.96
N MET B 729 -4.30 -9.95 11.71
CA MET B 729 -3.23 -10.56 10.93
C MET B 729 -3.13 -9.91 9.55
N GLN B 730 -4.27 -9.64 8.92
CA GLN B 730 -4.23 -8.97 7.62
C GLN B 730 -3.48 -7.65 7.73
N GLY B 731 -3.86 -6.84 8.71
CA GLY B 731 -3.16 -5.58 8.92
C GLY B 731 -1.69 -5.81 9.21
N ILE B 732 -1.39 -6.87 9.95
CA ILE B 732 0.00 -7.21 10.26
C ILE B 732 0.78 -7.41 8.97
N ALA B 733 0.20 -8.18 8.04
CA ALA B 733 0.86 -8.41 6.76
C ALA B 733 1.05 -7.09 6.02
N ILE B 734 0.03 -6.24 6.05
CA ILE B 734 0.12 -4.95 5.37
C ILE B 734 1.29 -4.15 5.93
N LEU B 735 1.50 -4.23 7.24
CA LEU B 735 2.68 -3.60 7.82
C LEU B 735 3.94 -4.37 7.45
N ALA B 736 3.88 -5.70 7.51
CA ALA B 736 5.07 -6.53 7.49
C ALA B 736 5.84 -6.36 6.20
N VAL B 737 5.13 -6.34 5.07
CA VAL B 737 5.79 -6.09 3.79
C VAL B 737 6.68 -4.85 3.90
N VAL B 738 6.05 -3.71 4.23
CA VAL B 738 6.78 -2.45 4.34
C VAL B 738 7.93 -2.61 5.34
N THR B 739 7.64 -3.26 6.47
CA THR B 739 8.64 -3.36 7.52
C THR B 739 9.86 -4.11 7.02
N ASN B 740 9.63 -5.23 6.31
CA ASN B 740 10.75 -5.99 5.77
C ASN B 740 11.55 -5.12 4.82
N ALA B 741 10.85 -4.38 3.94
CA ALA B 741 11.56 -3.48 3.05
C ALA B 741 12.45 -2.53 3.83
N MET B 742 11.89 -1.92 4.87
CA MET B 742 12.66 -0.98 5.68
C MET B 742 13.86 -1.67 6.30
N ILE B 743 13.68 -2.89 6.80
CA ILE B 743 14.78 -3.60 7.45
C ILE B 743 15.88 -3.87 6.44
N ILE B 744 15.51 -4.15 5.19
CA ILE B 744 16.53 -4.38 4.16
C ILE B 744 17.22 -3.07 3.80
N ALA B 745 16.50 -1.96 3.88
CA ALA B 745 17.07 -0.69 3.45
C ALA B 745 17.90 -0.04 4.54
N PHE B 746 17.25 0.39 5.62
CA PHE B 746 17.91 1.11 6.71
C PHE B 746 18.65 0.15 7.64
N THR B 747 17.94 -0.86 8.16
CA THR B 747 18.53 -1.74 9.16
C THR B 747 19.65 -2.59 8.56
N SER B 748 19.38 -3.23 7.42
CA SER B 748 20.39 -4.03 6.75
C SER B 748 21.26 -3.15 5.86
N ASP B 749 22.57 -3.30 6.00
CA ASP B 749 23.52 -2.52 5.22
C ASP B 749 23.85 -3.17 3.87
N MET B 750 22.96 -4.03 3.37
CA MET B 750 23.17 -4.61 2.05
C MET B 750 23.11 -3.55 0.96
N ILE B 751 22.23 -2.57 1.11
CA ILE B 751 22.10 -1.51 0.09
C ILE B 751 23.39 -0.73 -0.08
N PRO B 752 24.08 -0.27 0.97
CA PRO B 752 25.38 0.38 0.75
C PRO B 752 26.40 -0.52 0.07
N ARG B 753 26.41 -1.81 0.39
CA ARG B 753 27.36 -2.71 -0.24
C ARG B 753 27.07 -2.87 -1.73
N LEU B 754 25.80 -3.03 -2.09
CA LEU B 754 25.43 -3.11 -3.50
C LEU B 754 25.73 -1.81 -4.23
N VAL B 755 25.48 -0.67 -3.57
CA VAL B 755 25.77 0.63 -4.15
C VAL B 755 27.26 0.75 -4.45
N TYR B 756 28.10 0.37 -3.48
CA TYR B 756 29.55 0.41 -3.72
C TYR B 756 29.92 -0.52 -4.87
N TYR B 757 29.47 -1.78 -4.82
CA TYR B 757 29.86 -2.77 -5.81
C TYR B 757 29.43 -2.41 -7.23
N TRP B 758 28.35 -1.64 -7.38
CA TRP B 758 27.86 -1.29 -8.70
C TRP B 758 28.10 0.17 -9.10
N SER B 759 28.67 1.00 -8.23
CA SER B 759 28.88 2.39 -8.61
C SER B 759 30.21 2.99 -8.18
N PHE B 760 30.98 2.37 -7.29
CA PHE B 760 32.18 3.00 -6.76
C PHE B 760 33.47 2.24 -7.05
N SER B 761 33.39 0.99 -7.50
CA SER B 761 34.58 0.28 -7.93
C SER B 761 35.17 0.85 -9.21
N ILE B 762 34.40 1.69 -9.91
CA ILE B 762 34.86 2.29 -11.17
C ILE B 762 36.00 3.26 -10.90
N PRO B 763 36.92 3.44 -11.85
CA PRO B 763 38.06 4.35 -11.63
C PRO B 763 37.66 5.76 -11.26
N PRO B 764 36.58 6.33 -11.84
CA PRO B 764 36.16 7.67 -11.40
C PRO B 764 35.81 7.75 -9.92
N TYR B 765 35.34 6.66 -9.31
CA TYR B 765 35.06 6.63 -7.88
C TYR B 765 36.01 5.74 -7.09
N GLY B 766 36.63 4.75 -7.73
CA GLY B 766 37.59 3.90 -7.06
C GLY B 766 38.85 3.65 -7.86
N ASP B 767 39.35 2.42 -7.86
CA ASP B 767 40.54 2.08 -8.62
C ASP B 767 40.45 0.76 -9.37
N HIS B 768 39.46 -0.09 -9.10
CA HIS B 768 39.39 -1.40 -9.74
C HIS B 768 38.92 -1.27 -11.19
N THR B 769 39.50 -2.08 -12.07
CA THR B 769 39.11 -2.05 -13.47
C THR B 769 37.66 -2.52 -13.65
N TYR B 770 37.27 -3.57 -12.93
CA TYR B 770 35.93 -4.12 -13.03
C TYR B 770 35.25 -4.02 -11.65
N GLU B 795 33.98 20.11 26.41
CA GLU B 795 34.23 18.77 26.88
C GLU B 795 35.45 18.15 26.19
N ASN B 796 35.24 17.66 24.97
CA ASN B 796 36.28 17.04 24.15
C ASN B 796 36.96 15.90 24.90
N PRO B 797 36.26 14.79 25.15
CA PRO B 797 36.90 13.67 25.84
C PRO B 797 37.74 12.78 24.94
N TYR B 798 37.79 13.06 23.64
CA TYR B 798 38.55 12.20 22.73
C TYR B 798 40.03 12.23 23.06
N ILE B 799 40.58 13.42 23.33
CA ILE B 799 41.99 13.52 23.68
C ILE B 799 42.26 12.90 25.04
N GLY B 800 41.32 13.04 25.97
CA GLY B 800 41.50 12.45 27.28
C GLY B 800 41.49 10.93 27.26
N LEU B 801 40.65 10.35 26.42
CA LEU B 801 40.46 8.90 26.37
C LEU B 801 41.41 8.20 25.41
N GLY B 802 42.23 8.94 24.65
CA GLY B 802 43.15 8.29 23.74
C GLY B 802 44.06 9.31 23.10
N ASN B 803 45.07 8.79 22.40
CA ASN B 803 46.06 9.60 21.70
C ASN B 803 46.01 9.35 20.21
N TYR B 804 44.81 9.13 19.68
CA TYR B 804 44.61 8.89 18.26
C TYR B 804 44.34 10.20 17.53
N THR B 805 44.69 10.22 16.25
CA THR B 805 44.58 11.43 15.43
C THR B 805 43.32 11.45 14.58
N LEU B 806 43.06 10.39 13.81
CA LEU B 806 41.89 10.29 12.96
C LEU B 806 41.16 8.99 13.26
N CYS B 807 39.89 9.09 13.61
CA CYS B 807 39.05 7.93 13.86
C CYS B 807 38.01 7.79 12.76
N ARG B 808 37.66 6.54 12.44
CA ARG B 808 36.73 6.23 11.36
C ARG B 808 35.34 6.06 11.96
N TYR B 809 34.37 6.84 11.48
CA TYR B 809 33.00 6.74 11.93
C TYR B 809 32.14 6.02 10.91
N ARG B 810 31.11 5.33 11.40
CA ARG B 810 30.16 4.63 10.55
C ARG B 810 29.14 5.62 9.98
N ASP B 811 29.61 6.41 9.01
CA ASP B 811 28.76 7.35 8.31
C ASP B 811 29.42 7.70 6.98
N PHE B 812 28.61 8.20 6.06
CA PHE B 812 29.09 8.58 4.75
C PHE B 812 29.47 10.06 4.66
N ARG B 813 29.50 10.76 5.78
CA ARG B 813 29.71 12.20 5.79
C ARG B 813 31.10 12.55 5.24
N ASN B 814 31.36 13.84 5.14
CA ASN B 814 32.57 14.33 4.48
C ASN B 814 33.82 14.01 5.28
N PRO B 815 34.80 13.33 4.70
CA PRO B 815 36.08 13.12 5.38
C PRO B 815 36.90 14.40 5.38
N PRO B 816 37.98 14.46 6.16
CA PRO B 816 38.84 15.66 6.13
C PRO B 816 39.41 15.89 4.74
N GLY B 817 39.58 17.16 4.40
CA GLY B 817 39.98 17.57 3.08
C GLY B 817 38.85 18.06 2.20
N HIS B 818 37.60 17.74 2.55
CA HIS B 818 36.46 18.26 1.82
C HIS B 818 36.28 19.74 2.16
N PRO B 819 35.78 20.55 1.21
CA PRO B 819 35.55 21.97 1.53
C PRO B 819 34.60 22.18 2.70
N GLN B 820 33.58 21.34 2.84
CA GLN B 820 32.67 21.37 3.99
C GLN B 820 32.78 20.00 4.66
N GLU B 821 33.75 19.86 5.54
CA GLU B 821 34.02 18.59 6.20
C GLU B 821 33.02 18.35 7.33
N TYR B 822 32.94 17.09 7.76
CA TYR B 822 32.04 16.65 8.83
C TYR B 822 30.59 16.97 8.49
N LYS B 823 30.22 16.78 7.21
CA LYS B 823 28.89 17.11 6.73
C LYS B 823 28.47 16.10 5.69
N HIS B 824 27.17 16.11 5.37
CA HIS B 824 26.63 15.20 4.37
C HIS B 824 27.28 15.43 3.01
N ASN B 825 27.36 14.37 2.22
CA ASN B 825 28.04 14.42 0.93
C ASN B 825 27.16 13.77 -0.11
N ILE B 826 27.73 13.54 -1.30
CA ILE B 826 27.03 12.83 -2.36
C ILE B 826 26.73 11.40 -1.93
N TYR B 827 27.67 10.76 -1.23
CA TYR B 827 27.52 9.35 -0.90
C TYR B 827 26.30 9.12 0.00
N TYR B 828 26.13 9.97 1.02
CA TYR B 828 25.02 9.76 1.96
C TYR B 828 23.68 9.89 1.27
N TRP B 829 23.50 10.95 0.46
CA TRP B 829 22.23 11.12 -0.24
C TRP B 829 22.03 10.06 -1.31
N HIS B 830 23.09 9.62 -1.97
CA HIS B 830 22.98 8.52 -2.92
C HIS B 830 22.49 7.26 -2.24
N VAL B 831 23.06 6.94 -1.07
CA VAL B 831 22.65 5.75 -0.33
C VAL B 831 21.21 5.87 0.13
N ILE B 832 20.82 7.05 0.63
CA ILE B 832 19.45 7.23 1.08
C ILE B 832 18.47 7.13 -0.09
N ALA B 833 18.83 7.69 -1.25
CA ALA B 833 17.99 7.56 -2.43
C ALA B 833 17.87 6.12 -2.86
N ALA B 834 18.97 5.37 -2.82
CA ALA B 834 18.93 3.96 -3.17
C ALA B 834 18.02 3.18 -2.22
N LYS B 835 18.13 3.47 -0.91
CA LYS B 835 17.26 2.80 0.06
C LYS B 835 15.80 3.11 -0.19
N LEU B 836 15.48 4.39 -0.42
CA LEU B 836 14.09 4.76 -0.65
C LEU B 836 13.55 4.16 -1.94
N ALA B 837 14.35 4.16 -3.01
CA ALA B 837 13.92 3.57 -4.27
C ALA B 837 13.71 2.07 -4.13
N PHE B 838 14.61 1.39 -3.41
CA PHE B 838 14.43 -0.04 -3.17
C PHE B 838 13.17 -0.29 -2.37
N ILE B 839 12.90 0.53 -1.35
CA ILE B 839 11.68 0.36 -0.56
C ILE B 839 10.45 0.53 -1.43
N ILE B 840 10.44 1.55 -2.28
CA ILE B 840 9.29 1.79 -3.14
C ILE B 840 9.08 0.63 -4.11
N VAL B 841 10.17 0.19 -4.74
CA VAL B 841 10.07 -0.89 -5.72
C VAL B 841 9.59 -2.16 -5.05
N MET B 842 10.16 -2.50 -3.89
CA MET B 842 9.77 -3.72 -3.19
C MET B 842 8.32 -3.65 -2.73
N GLU B 843 7.90 -2.51 -2.17
CA GLU B 843 6.52 -2.35 -1.74
C GLU B 843 5.57 -2.55 -2.91
N HIS B 844 5.82 -1.85 -4.03
CA HIS B 844 4.89 -1.93 -5.15
C HIS B 844 4.88 -3.32 -5.76
N ILE B 845 6.04 -3.93 -5.96
CA ILE B 845 6.11 -5.25 -6.59
C ILE B 845 5.44 -6.29 -5.70
N ILE B 846 5.72 -6.25 -4.39
CA ILE B 846 5.14 -7.24 -3.49
C ILE B 846 3.63 -7.05 -3.38
N TYR B 847 3.18 -5.79 -3.34
CA TYR B 847 1.74 -5.54 -3.29
C TYR B 847 1.06 -6.02 -4.56
N SER B 848 1.69 -5.80 -5.72
CA SER B 848 1.12 -6.30 -6.96
C SER B 848 1.07 -7.83 -6.98
N VAL B 849 2.12 -8.48 -6.46
CA VAL B 849 2.12 -9.94 -6.38
C VAL B 849 1.02 -10.42 -5.46
N LYS B 850 0.83 -9.76 -4.32
CA LYS B 850 -0.22 -10.14 -3.39
C LYS B 850 -1.60 -9.99 -4.03
N PHE B 851 -1.82 -8.88 -4.75
CA PHE B 851 -3.08 -8.68 -5.44
C PHE B 851 -3.31 -9.75 -6.49
N PHE B 852 -2.27 -10.09 -7.26
CA PHE B 852 -2.40 -11.11 -8.29
C PHE B 852 -2.72 -12.47 -7.67
N ILE B 853 -2.07 -12.81 -6.56
CA ILE B 853 -2.33 -14.10 -5.93
C ILE B 853 -3.73 -14.15 -5.35
N SER B 854 -4.18 -13.06 -4.72
CA SER B 854 -5.53 -13.03 -4.17
C SER B 854 -6.58 -13.11 -5.27
N TYR B 855 -6.34 -12.45 -6.40
CA TYR B 855 -7.30 -12.47 -7.49
C TYR B 855 -7.33 -13.82 -8.19
N ALA B 856 -6.15 -14.41 -8.42
CA ALA B 856 -6.08 -15.67 -9.14
C ALA B 856 -6.60 -16.82 -8.29
N ILE B 857 -6.18 -16.90 -7.04
CA ILE B 857 -6.60 -17.98 -6.15
C ILE B 857 -7.93 -17.61 -5.52
N PRO B 858 -9.01 -18.34 -5.80
CA PRO B 858 -10.30 -18.03 -5.20
C PRO B 858 -10.32 -18.36 -3.72
N ASP B 859 -11.18 -17.65 -2.99
CA ASP B 859 -11.33 -17.86 -1.55
C ASP B 859 -12.07 -19.13 -1.22
N VAL B 860 -12.67 -19.79 -2.20
CA VAL B 860 -13.43 -21.03 -2.00
C VAL B 860 -12.82 -22.11 -2.87
N SER B 861 -12.59 -23.29 -2.30
CA SER B 861 -12.00 -24.39 -3.04
C SER B 861 -13.00 -24.97 -4.04
N LYS B 862 -12.47 -25.48 -5.15
CA LYS B 862 -13.33 -26.11 -6.15
C LYS B 862 -14.02 -27.34 -5.59
N ILE B 863 -13.29 -28.15 -4.81
CA ILE B 863 -13.89 -29.31 -4.16
C ILE B 863 -14.94 -28.86 -3.16
N THR B 864 -14.69 -27.77 -2.43
CA THR B 864 -15.67 -27.25 -1.49
C THR B 864 -16.93 -26.81 -2.22
CA CA C . -19.66 11.72 -21.79
CA CA D . -22.89 9.47 -21.31
CA CA E . -14.93 1.55 5.95
CA CA F . 4.51 -20.04 24.01
CA CA G . 0.89 -21.54 24.56
CA CA H . -7.69 -13.96 -2.62
#